data_7OFL
#
_entry.id   7OFL
#
_cell.length_a   74.455
_cell.length_b   76.622
_cell.length_c   135.108
_cell.angle_alpha   90.000
_cell.angle_beta   90.000
_cell.angle_gamma   90.000
#
_symmetry.space_group_name_H-M   'P 21 21 2'
#
loop_
_entity.id
_entity.type
_entity.pdbx_description
1 polymer 'Terpene synthase'
2 non-polymer 4-AMINO-1-HYDROXYBUTANE-1,1-DIYLDIPHOSPHONATE
3 non-polymer 'MAGNESIUM ION'
4 non-polymer 1,2-ETHANEDIOL
5 water water
#
_entity_poly.entity_id   1
_entity_poly.type   'polypeptide(L)'
_entity_poly.pdbx_seq_one_letter_code
;MKHHHHHHPMSDYDIPTTENLYFQGAMAMSPTATFTTTSSEENAPTKFILPDLVSDCTYPLLLNDNCEPVARASEQWLIA
GARLQEPRRTKFMGLLAGELTAACYPHADASHLRVCVDFMNWLFNMDDWLDDFDVDDTWGMRHCCLGAFRDPVGFETDKL
GGLMSKSFFSRFRQDGGPGCTERFIHTMDLFFIAVAQQAGDRANGITPDLESYITVRRDTSGCKPCFALIEYAAGIDLPD
HVIYHPTLAAMEEATNDLVTWSNDIFSYNKEQVTDDTHNMIPVLMRERGLDLQGAVDFVGRLCKGTIERFETERARLPSW
GPELDAQVQTYIEGLQNWIVGSLHWSFDSHRYFGKDGHAVKKHRIVKLLPKRVPQQA
;
_entity_poly.pdbx_strand_id   A,B
#
# COMPACT_ATOMS: atom_id res chain seq x y z
N ASN A 43 23.61 34.14 -0.01
CA ASN A 43 24.12 33.32 1.09
C ASN A 43 23.01 32.42 1.67
N ALA A 44 23.41 31.39 2.44
CA ALA A 44 22.47 30.39 2.95
C ALA A 44 21.61 30.96 4.07
N PRO A 45 20.34 30.56 4.17
CA PRO A 45 19.44 31.23 5.12
C PRO A 45 19.66 30.75 6.54
N THR A 46 19.46 31.67 7.48
CA THR A 46 19.52 31.35 8.90
C THR A 46 18.15 31.14 9.53
N LYS A 47 17.08 31.40 8.79
CA LYS A 47 15.75 31.35 9.41
C LYS A 47 14.73 31.20 8.31
N PHE A 48 13.51 30.83 8.70
CA PHE A 48 12.39 30.85 7.78
C PHE A 48 11.10 31.16 8.57
N ILE A 49 10.01 31.32 7.83
CA ILE A 49 8.72 31.81 8.30
C ILE A 49 7.71 30.66 8.22
N LEU A 50 7.07 30.37 9.36
CA LEU A 50 6.13 29.27 9.45
C LEU A 50 4.84 29.64 8.75
N PRO A 51 4.33 28.83 7.82
CA PRO A 51 2.96 29.08 7.33
C PRO A 51 1.99 29.04 8.50
N ASP A 52 0.89 29.78 8.39
CA ASP A 52 -0.07 29.76 9.49
C ASP A 52 -1.01 28.57 9.26
N LEU A 53 -0.79 27.52 10.01
CA LEU A 53 -1.63 26.35 9.86
C LEU A 53 -2.75 26.30 10.89
N VAL A 54 -2.63 27.00 12.02
CA VAL A 54 -3.57 26.81 13.13
C VAL A 54 -4.70 27.83 13.12
N SER A 55 -4.43 29.09 12.71
N SER A 55 -4.43 29.08 12.72
CA SER A 55 -5.40 30.15 12.91
CA SER A 55 -5.39 30.17 12.93
C SER A 55 -6.71 29.88 12.19
C SER A 55 -6.63 30.09 12.03
N ASP A 56 -6.67 29.17 11.07
CA ASP A 56 -7.89 28.93 10.31
C ASP A 56 -8.58 27.60 10.62
N CYS A 57 -7.87 26.62 11.21
CA CYS A 57 -8.50 25.35 11.56
C CYS A 57 -9.60 25.57 12.59
N THR A 58 -10.83 25.22 12.24
CA THR A 58 -11.99 25.52 13.05
C THR A 58 -12.49 24.33 13.87
N TYR A 59 -11.79 23.19 13.84
CA TYR A 59 -12.22 22.05 14.65
C TYR A 59 -12.07 22.40 16.13
N PRO A 60 -13.04 22.05 16.98
CA PRO A 60 -12.86 22.25 18.42
C PRO A 60 -11.66 21.47 18.96
N LEU A 61 -10.85 22.13 19.79
CA LEU A 61 -9.72 21.46 20.44
C LEU A 61 -10.17 20.90 21.78
N LEU A 62 -10.15 19.58 21.93
CA LEU A 62 -10.59 18.91 23.16
C LEU A 62 -9.39 18.35 23.92
N LEU A 63 -9.62 18.03 25.20
CA LEU A 63 -8.61 17.45 26.07
C LEU A 63 -9.24 16.40 26.98
N ASN A 64 -8.75 15.17 26.91
CA ASN A 64 -9.28 14.10 27.76
C ASN A 64 -9.25 14.51 29.24
N ASP A 65 -10.34 14.20 29.96
CA ASP A 65 -10.44 14.53 31.39
C ASP A 65 -9.37 13.83 32.21
N ASN A 66 -8.83 12.70 31.73
CA ASN A 66 -7.86 11.92 32.48
C ASN A 66 -6.43 12.28 32.13
N CYS A 67 -6.24 13.34 31.35
CA CYS A 67 -4.94 13.62 30.73
C CYS A 67 -3.81 13.63 31.76
N GLU A 68 -3.94 14.46 32.80
CA GLU A 68 -2.75 14.74 33.62
C GLU A 68 -2.23 13.52 34.37
N PRO A 69 -3.03 12.78 35.14
CA PRO A 69 -2.46 11.58 35.80
C PRO A 69 -1.99 10.48 34.84
N VAL A 70 -2.70 10.23 33.74
CA VAL A 70 -2.23 9.26 32.76
C VAL A 70 -0.90 9.73 32.12
N ALA A 71 -0.78 11.02 31.79
CA ALA A 71 0.45 11.51 31.19
C ALA A 71 1.65 11.21 32.10
N ARG A 72 1.52 11.49 33.40
CA ARG A 72 2.65 11.32 34.31
C ARG A 72 2.97 9.84 34.51
N ALA A 73 1.95 8.99 34.57
CA ALA A 73 2.24 7.57 34.78
C ALA A 73 2.95 6.99 33.56
N SER A 74 2.57 7.43 32.36
CA SER A 74 3.18 6.89 31.15
C SER A 74 4.64 7.34 31.03
N GLU A 75 4.92 8.58 31.40
CA GLU A 75 6.31 9.02 31.39
C GLU A 75 7.17 8.10 32.24
N GLN A 76 6.70 7.79 33.44
CA GLN A 76 7.50 6.89 34.28
C GLN A 76 7.61 5.49 33.67
N TRP A 77 6.52 4.97 33.08
CA TRP A 77 6.58 3.72 32.34
C TRP A 77 7.66 3.76 31.25
N LEU A 78 7.64 4.79 30.41
CA LEU A 78 8.63 4.92 29.33
C LEU A 78 10.06 5.01 29.89
N ILE A 79 10.29 5.92 30.84
CA ILE A 79 11.65 6.08 31.39
C ILE A 79 12.18 4.74 31.88
N ALA A 80 11.32 3.95 32.53
CA ALA A 80 11.77 2.66 33.04
C ALA A 80 11.98 1.69 31.89
N GLY A 81 11.05 1.69 30.94
CA GLY A 81 11.07 0.68 29.89
C GLY A 81 12.18 0.90 28.89
N ALA A 82 12.50 2.17 28.58
CA ALA A 82 13.59 2.51 27.68
C ALA A 82 14.92 2.76 28.40
N ARG A 83 14.93 2.60 29.73
CA ARG A 83 16.10 2.88 30.57
C ARG A 83 16.66 4.27 30.28
N LEU A 84 15.79 5.28 30.24
CA LEU A 84 16.28 6.59 29.86
C LEU A 84 17.24 7.14 30.90
N GLN A 85 18.32 7.76 30.42
CA GLN A 85 19.22 8.50 31.27
C GLN A 85 19.40 9.90 30.71
N GLU A 86 20.17 10.73 31.41
CA GLU A 86 20.46 12.07 30.93
C GLU A 86 21.46 12.05 29.77
N PRO A 87 21.38 13.02 28.83
CA PRO A 87 20.43 14.14 28.76
C PRO A 87 19.02 13.76 28.25
N ARG A 88 18.87 12.54 27.73
CA ARG A 88 17.62 12.18 27.05
C ARG A 88 16.44 12.25 27.99
N ARG A 89 16.62 11.85 29.25
CA ARG A 89 15.51 11.88 30.23
C ARG A 89 14.91 13.28 30.36
N THR A 90 15.75 14.31 30.40
CA THR A 90 15.23 15.67 30.51
C THR A 90 14.55 16.13 29.22
N LYS A 91 15.12 15.78 28.06
CA LYS A 91 14.45 16.02 26.79
C LYS A 91 13.07 15.38 26.75
N PHE A 92 13.02 14.10 27.10
CA PHE A 92 11.74 13.40 27.16
C PHE A 92 10.72 14.07 28.10
N MET A 93 11.15 14.69 29.22
CA MET A 93 10.15 15.31 30.08
C MET A 93 9.51 16.53 29.44
N GLY A 94 10.06 17.03 28.34
CA GLY A 94 9.47 18.07 27.52
C GLY A 94 8.71 17.60 26.28
N LEU A 95 8.66 16.28 26.04
CA LEU A 95 7.97 15.79 24.86
C LEU A 95 6.47 16.06 24.96
N LEU A 96 5.87 15.71 26.11
CA LEU A 96 4.42 15.88 26.35
C LEU A 96 3.56 15.04 25.38
N ALA A 97 3.97 13.79 25.13
CA ALA A 97 3.14 12.93 24.28
C ALA A 97 1.82 12.55 24.98
N GLY A 98 1.76 12.57 26.31
CA GLY A 98 0.48 12.32 26.99
C GLY A 98 -0.53 13.39 26.66
N GLU A 99 -0.05 14.66 26.59
CA GLU A 99 -0.93 15.78 26.30
C GLU A 99 -1.41 15.74 24.85
N LEU A 100 -0.50 15.45 23.92
CA LEU A 100 -0.89 15.18 22.54
C LEU A 100 -1.95 14.08 22.50
N THR A 101 -1.65 12.94 23.14
CA THR A 101 -2.57 11.80 23.05
C THR A 101 -3.95 12.13 23.66
N ALA A 102 -3.98 12.92 24.73
CA ALA A 102 -5.25 13.28 25.34
C ALA A 102 -6.07 14.21 24.45
N ALA A 103 -5.41 14.98 23.58
CA ALA A 103 -6.13 15.80 22.61
C ALA A 103 -6.62 15.00 21.41
N CYS A 104 -5.90 13.92 21.03
CA CYS A 104 -6.27 13.11 19.87
C CYS A 104 -7.33 12.07 20.19
N TYR A 105 -7.41 11.65 21.45
CA TYR A 105 -8.39 10.66 21.92
C TYR A 105 -9.06 11.25 23.15
N PRO A 106 -9.78 12.37 22.99
CA PRO A 106 -10.31 13.08 24.17
C PRO A 106 -11.47 12.38 24.84
N HIS A 107 -12.05 11.32 24.27
CA HIS A 107 -13.18 10.66 24.90
C HIS A 107 -12.83 9.31 25.49
N ALA A 108 -11.59 8.84 25.35
CA ALA A 108 -11.20 7.54 25.88
C ALA A 108 -11.31 7.53 27.41
N ASP A 109 -11.64 6.36 27.98
CA ASP A 109 -11.57 6.28 29.43
C ASP A 109 -10.09 6.20 29.84
N ALA A 110 -9.87 6.14 31.16
CA ALA A 110 -8.52 6.26 31.70
C ALA A 110 -7.67 5.07 31.28
N SER A 111 -8.24 3.88 31.28
CA SER A 111 -7.43 2.71 30.94
C SER A 111 -7.12 2.68 29.45
N HIS A 112 -8.09 3.05 28.61
CA HIS A 112 -7.78 3.03 27.18
C HIS A 112 -6.81 4.16 26.84
N LEU A 113 -7.00 5.33 27.46
CA LEU A 113 -6.07 6.43 27.23
C LEU A 113 -4.64 6.01 27.56
N ARG A 114 -4.46 5.31 28.69
CA ARG A 114 -3.13 4.92 29.12
C ARG A 114 -2.46 3.98 28.11
N VAL A 115 -3.22 3.08 27.49
CA VAL A 115 -2.61 2.25 26.46
C VAL A 115 -2.18 3.12 25.29
N CYS A 116 -2.99 4.12 24.92
CA CYS A 116 -2.65 4.99 23.80
C CYS A 116 -1.41 5.82 24.09
N VAL A 117 -1.30 6.34 25.32
CA VAL A 117 -0.16 7.21 25.68
C VAL A 117 1.12 6.39 25.76
N ASP A 118 1.04 5.19 26.36
CA ASP A 118 2.20 4.30 26.34
C ASP A 118 2.67 4.04 24.91
N PHE A 119 1.75 3.71 24.00
CA PHE A 119 2.13 3.55 22.59
C PHE A 119 2.81 4.81 22.04
N MET A 120 2.23 5.97 22.30
CA MET A 120 2.77 7.21 21.75
C MET A 120 4.16 7.49 22.30
N ASN A 121 4.34 7.33 23.62
CA ASN A 121 5.67 7.46 24.18
C ASN A 121 6.63 6.43 23.59
N TRP A 122 6.17 5.19 23.42
CA TRP A 122 7.00 4.13 22.85
C TRP A 122 7.39 4.43 21.38
N LEU A 123 6.44 4.97 20.62
CA LEU A 123 6.68 5.34 19.21
C LEU A 123 7.70 6.45 19.07
N PHE A 124 7.51 7.54 19.77
CA PHE A 124 8.52 8.59 19.71
C PHE A 124 9.88 8.07 20.17
N ASN A 125 9.90 7.22 21.20
CA ASN A 125 11.18 6.66 21.63
C ASN A 125 11.81 5.78 20.56
N MET A 126 10.98 4.92 19.96
CA MET A 126 11.44 4.03 18.90
C MET A 126 11.97 4.81 17.71
N ASP A 127 11.22 5.83 17.28
CA ASP A 127 11.67 6.67 16.18
C ASP A 127 13.07 7.23 16.43
N ASP A 128 13.29 7.81 17.61
CA ASP A 128 14.58 8.40 17.95
C ASP A 128 15.68 7.33 17.99
N TRP A 129 15.43 6.18 18.63
CA TRP A 129 16.41 5.10 18.56
C TRP A 129 16.76 4.77 17.10
N LEU A 130 15.72 4.55 16.26
CA LEU A 130 15.98 4.12 14.90
C LEU A 130 16.72 5.16 14.05
N ASP A 131 16.69 6.44 14.44
CA ASP A 131 17.51 7.43 13.74
C ASP A 131 19.00 7.06 13.74
N ASP A 132 19.42 6.21 14.65
CA ASP A 132 20.82 5.81 14.69
C ASP A 132 21.00 4.32 14.47
N PHE A 133 20.00 3.64 13.87
CA PHE A 133 20.11 2.23 13.50
C PHE A 133 20.51 2.09 12.04
N ASP A 134 21.26 1.04 11.72
CA ASP A 134 21.49 0.72 10.32
C ASP A 134 20.32 -0.13 9.85
N VAL A 135 20.34 -0.51 8.56
CA VAL A 135 19.21 -1.23 7.98
C VAL A 135 19.05 -2.60 8.64
N ASP A 136 20.16 -3.33 8.80
CA ASP A 136 20.13 -4.65 9.43
CA ASP A 136 20.10 -4.65 9.41
C ASP A 136 19.48 -4.59 10.80
N ASP A 137 19.92 -3.64 11.64
CA ASP A 137 19.40 -3.59 12.99
C ASP A 137 17.94 -3.15 13.04
N THR A 138 17.50 -2.37 12.04
CA THR A 138 16.10 -1.99 11.90
C THR A 138 15.23 -3.21 11.67
N TRP A 139 15.63 -4.09 10.72
CA TRP A 139 14.89 -5.35 10.51
C TRP A 139 14.87 -6.20 11.80
N GLY A 140 15.97 -6.18 12.55
CA GLY A 140 16.02 -6.91 13.81
C GLY A 140 15.02 -6.39 14.82
N MET A 141 14.89 -5.07 14.92
CA MET A 141 13.90 -4.46 15.83
C MET A 141 12.49 -4.80 15.37
N ARG A 142 12.25 -4.74 14.05
CA ARG A 142 10.95 -5.08 13.50
C ARG A 142 10.57 -6.50 13.90
N HIS A 143 11.51 -7.42 13.76
CA HIS A 143 11.20 -8.81 14.07
C HIS A 143 10.81 -8.96 15.54
N CYS A 144 11.52 -8.26 16.41
CA CYS A 144 11.26 -8.33 17.84
C CYS A 144 9.88 -7.77 18.18
N CYS A 145 9.55 -6.61 17.62
CA CYS A 145 8.33 -5.94 18.06
C CYS A 145 7.08 -6.59 17.46
N LEU A 146 7.15 -7.06 16.21
CA LEU A 146 5.99 -7.76 15.65
C LEU A 146 5.77 -9.11 16.32
N GLY A 147 6.86 -9.84 16.61
CA GLY A 147 6.73 -11.02 17.45
C GLY A 147 6.01 -10.72 18.76
N ALA A 148 6.41 -9.62 19.41
CA ALA A 148 5.76 -9.19 20.65
C ALA A 148 4.28 -8.89 20.44
N PHE A 149 3.93 -8.09 19.42
CA PHE A 149 2.52 -7.77 19.19
C PHE A 149 1.69 -9.02 18.96
N ARG A 150 2.25 -10.01 18.27
CA ARG A 150 1.46 -11.17 17.93
C ARG A 150 1.33 -12.15 19.08
N ASP A 151 2.15 -12.02 20.12
CA ASP A 151 2.11 -12.95 21.25
C ASP A 151 2.56 -12.19 22.49
N PRO A 152 1.72 -11.28 23.00
CA PRO A 152 2.22 -10.29 23.97
C PRO A 152 2.47 -10.82 25.38
N VAL A 153 2.11 -12.07 25.67
CA VAL A 153 2.52 -12.72 26.92
C VAL A 153 3.63 -13.74 26.68
N GLY A 154 3.51 -14.54 25.64
CA GLY A 154 4.41 -15.68 25.48
C GLY A 154 5.68 -15.39 24.70
N PHE A 155 5.77 -14.23 24.04
CA PHE A 155 6.93 -13.99 23.16
C PHE A 155 8.19 -13.84 24.01
N GLU A 156 9.23 -14.61 23.70
N GLU A 156 9.23 -14.56 23.60
CA GLU A 156 10.43 -14.58 24.53
CA GLU A 156 10.50 -14.63 24.32
C GLU A 156 11.39 -13.55 23.96
C GLU A 156 11.40 -13.48 23.86
N THR A 157 11.71 -12.55 24.77
CA THR A 157 12.65 -11.52 24.38
C THR A 157 13.26 -10.89 25.61
N ASP A 158 14.48 -10.38 25.42
CA ASP A 158 15.10 -9.56 26.45
CA ASP A 158 15.22 -9.60 26.39
C ASP A 158 15.40 -8.15 25.93
N LYS A 159 14.88 -7.79 24.76
CA LYS A 159 15.10 -6.48 24.17
C LYS A 159 14.07 -5.49 24.67
N LEU A 160 14.54 -4.30 25.04
CA LEU A 160 13.67 -3.27 25.63
C LEU A 160 12.53 -2.90 24.69
N GLY A 161 12.83 -2.77 23.38
CA GLY A 161 11.77 -2.44 22.43
C GLY A 161 10.62 -3.42 22.51
N GLY A 162 10.95 -4.71 22.54
CA GLY A 162 9.94 -5.76 22.61
C GLY A 162 9.31 -5.91 23.97
N LEU A 163 10.10 -5.78 25.03
CA LEU A 163 9.52 -5.86 26.37
C LEU A 163 8.44 -4.80 26.56
N MET A 164 8.69 -3.56 26.10
CA MET A 164 7.64 -2.53 26.20
C MET A 164 6.43 -2.87 25.33
N SER A 165 6.68 -3.39 24.10
CA SER A 165 5.62 -3.81 23.18
C SER A 165 4.69 -4.81 23.86
N LYS A 166 5.30 -5.77 24.55
CA LYS A 166 4.52 -6.76 25.30
C LYS A 166 3.69 -6.09 26.36
N SER A 167 4.25 -5.05 27.02
CA SER A 167 3.55 -4.39 28.12
C SER A 167 2.28 -3.70 27.63
N PHE A 168 2.40 -2.76 26.67
CA PHE A 168 1.19 -2.04 26.29
C PHE A 168 0.29 -2.88 25.41
N PHE A 169 0.85 -3.79 24.62
CA PHE A 169 -0.06 -4.46 23.70
C PHE A 169 -0.79 -5.61 24.39
N SER A 170 -0.20 -6.23 25.41
CA SER A 170 -0.98 -7.16 26.23
C SER A 170 -2.21 -6.48 26.81
N ARG A 171 -2.08 -5.23 27.25
CA ARG A 171 -3.25 -4.50 27.76
C ARG A 171 -4.20 -4.08 26.62
N PHE A 172 -3.66 -3.63 25.47
CA PHE A 172 -4.47 -3.42 24.26
C PHE A 172 -5.38 -4.63 23.96
N ARG A 173 -4.79 -5.82 23.93
CA ARG A 173 -5.55 -6.99 23.48
C ARG A 173 -6.61 -7.39 24.49
N GLN A 174 -6.56 -6.83 25.70
CA GLN A 174 -7.63 -7.08 26.65
C GLN A 174 -8.97 -6.55 26.16
N ASP A 175 -8.97 -5.54 25.26
CA ASP A 175 -10.23 -4.99 24.78
C ASP A 175 -10.26 -4.66 23.29
N GLY A 176 -9.18 -4.85 22.54
CA GLY A 176 -9.24 -4.48 21.12
C GLY A 176 -9.85 -5.58 20.26
N GLY A 177 -10.70 -5.16 19.31
CA GLY A 177 -11.43 -6.08 18.48
C GLY A 177 -10.47 -6.66 17.48
N PRO A 178 -10.89 -7.76 16.83
CA PRO A 178 -9.97 -8.45 15.91
C PRO A 178 -9.58 -7.60 14.73
N GLY A 179 -10.50 -6.78 14.20
CA GLY A 179 -10.21 -5.90 13.07
C GLY A 179 -9.13 -4.87 13.36
N CYS A 180 -9.35 -4.06 14.42
CA CYS A 180 -8.37 -3.04 14.67
C CYS A 180 -7.09 -3.62 15.25
N THR A 181 -7.13 -4.81 15.85
CA THR A 181 -5.89 -5.45 16.29
C THR A 181 -4.99 -5.74 15.10
N GLU A 182 -5.56 -6.36 14.06
CA GLU A 182 -4.72 -6.65 12.91
C GLU A 182 -4.33 -5.39 12.15
N ARG A 183 -5.20 -4.37 12.12
CA ARG A 183 -4.78 -3.12 11.48
C ARG A 183 -3.62 -2.49 12.23
N PHE A 184 -3.65 -2.52 13.55
CA PHE A 184 -2.50 -2.03 14.30
C PHE A 184 -1.24 -2.80 13.88
N ILE A 185 -1.30 -4.13 13.95
CA ILE A 185 -0.10 -4.94 13.72
C ILE A 185 0.39 -4.77 12.29
N HIS A 186 -0.54 -4.81 11.33
CA HIS A 186 -0.10 -4.76 9.95
C HIS A 186 0.45 -3.37 9.60
N THR A 187 -0.11 -2.31 10.18
CA THR A 187 0.42 -1.00 9.83
C THR A 187 1.70 -0.68 10.62
N MET A 188 1.89 -1.31 11.77
CA MET A 188 3.20 -1.26 12.41
C MET A 188 4.23 -1.96 11.56
N ASP A 189 3.84 -3.07 10.91
CA ASP A 189 4.69 -3.77 9.95
C ASP A 189 5.12 -2.82 8.82
N LEU A 190 4.13 -2.19 8.17
CA LEU A 190 4.39 -1.20 7.14
C LEU A 190 5.32 -0.09 7.64
N PHE A 191 5.09 0.40 8.88
CA PHE A 191 5.99 1.39 9.48
C PHE A 191 7.44 0.88 9.49
N PHE A 192 7.69 -0.31 10.08
CA PHE A 192 9.09 -0.78 10.13
C PHE A 192 9.69 -0.96 8.75
N ILE A 193 8.93 -1.53 7.80
CA ILE A 193 9.43 -1.70 6.43
C ILE A 193 9.84 -0.37 5.84
N ALA A 194 9.03 0.66 6.07
CA ALA A 194 9.29 1.98 5.50
C ALA A 194 10.50 2.66 6.16
N VAL A 195 10.63 2.52 7.49
CA VAL A 195 11.76 3.11 8.21
C VAL A 195 13.07 2.41 7.80
N ALA A 196 13.02 1.11 7.51
CA ALA A 196 14.20 0.44 6.94
C ALA A 196 14.61 1.05 5.59
N GLN A 197 13.62 1.43 4.77
CA GLN A 197 13.94 2.18 3.55
C GLN A 197 14.53 3.55 3.86
N GLN A 198 13.95 4.28 4.83
CA GLN A 198 14.57 5.52 5.27
C GLN A 198 16.02 5.29 5.67
N ALA A 199 16.26 4.24 6.46
CA ALA A 199 17.61 3.98 6.96
C ALA A 199 18.60 3.69 5.84
N GLY A 200 18.13 3.00 4.77
CA GLY A 200 18.97 2.73 3.60
C GLY A 200 19.27 4.01 2.86
N ASP A 201 18.26 4.90 2.72
CA ASP A 201 18.49 6.21 2.12
C ASP A 201 19.56 6.98 2.89
N ARG A 202 19.44 6.99 4.23
CA ARG A 202 20.40 7.72 5.06
C ARG A 202 21.83 7.16 4.88
N ALA A 203 21.95 5.83 4.87
CA ALA A 203 23.25 5.19 4.68
C ALA A 203 23.84 5.53 3.31
N ASN A 204 22.99 5.67 2.29
CA ASN A 204 23.45 5.95 0.94
C ASN A 204 23.60 7.44 0.65
N GLY A 205 23.29 8.32 1.60
CA GLY A 205 23.41 9.76 1.33
C GLY A 205 22.44 10.30 0.30
N ILE A 206 21.24 9.74 0.23
CA ILE A 206 20.30 9.97 -0.85
C ILE A 206 19.13 10.81 -0.34
N THR A 207 18.77 11.86 -1.08
CA THR A 207 17.49 12.55 -0.89
C THR A 207 16.51 11.99 -1.92
N PRO A 208 15.40 11.37 -1.51
CA PRO A 208 14.51 10.72 -2.49
C PRO A 208 13.77 11.73 -3.35
N ASP A 209 13.23 11.26 -4.47
CA ASP A 209 12.38 12.16 -5.25
C ASP A 209 11.03 12.33 -4.53
N LEU A 210 10.28 13.34 -4.98
CA LEU A 210 9.08 13.74 -4.25
C LEU A 210 8.02 12.64 -4.30
N GLU A 211 7.82 12.03 -5.47
N GLU A 211 7.79 12.05 -5.48
CA GLU A 211 6.79 11.01 -5.60
CA GLU A 211 6.79 10.99 -5.61
C GLU A 211 7.09 9.79 -4.73
C GLU A 211 7.12 9.82 -4.69
N SER A 212 8.35 9.32 -4.77
CA SER A 212 8.72 8.18 -3.93
C SER A 212 8.67 8.57 -2.46
N TYR A 213 9.06 9.80 -2.13
CA TYR A 213 9.07 10.26 -0.74
C TYR A 213 7.67 10.23 -0.16
N ILE A 214 6.71 10.84 -0.85
CA ILE A 214 5.34 10.90 -0.32
C ILE A 214 4.78 9.50 -0.11
N THR A 215 5.09 8.55 -1.00
CA THR A 215 4.53 7.20 -0.84
C THR A 215 5.06 6.53 0.44
N VAL A 216 6.37 6.56 0.63
CA VAL A 216 6.98 5.93 1.78
C VAL A 216 6.63 6.66 3.06
N ARG A 217 6.47 7.97 2.97
CA ARG A 217 6.31 8.79 4.16
C ARG A 217 4.96 8.52 4.81
N ARG A 218 3.96 8.07 4.03
CA ARG A 218 2.68 7.72 4.65
C ARG A 218 2.83 6.54 5.59
N ASP A 219 3.93 5.81 5.51
CA ASP A 219 4.19 4.69 6.39
C ASP A 219 5.25 4.96 7.44
N THR A 220 6.27 5.83 7.18
CA THR A 220 7.21 6.15 8.26
C THR A 220 6.57 7.09 9.31
N SER A 221 5.48 7.78 8.96
CA SER A 221 4.86 8.69 9.92
C SER A 221 4.32 7.93 11.13
N GLY A 222 3.86 6.70 10.94
CA GLY A 222 3.18 6.01 12.00
C GLY A 222 1.79 6.51 12.27
N CYS A 223 1.23 7.34 11.39
CA CYS A 223 -0.17 7.73 11.58
C CYS A 223 -1.11 6.52 11.48
N LYS A 224 -0.83 5.58 10.57
CA LYS A 224 -1.79 4.48 10.36
C LYS A 224 -2.04 3.65 11.62
N PRO A 225 -1.04 3.25 12.42
CA PRO A 225 -1.38 2.56 13.70
C PRO A 225 -2.08 3.47 14.72
N CYS A 226 -1.78 4.78 14.71
CA CYS A 226 -2.56 5.70 15.54
C CYS A 226 -4.03 5.61 15.20
N PHE A 227 -4.35 5.48 13.91
CA PHE A 227 -5.77 5.42 13.53
C PHE A 227 -6.42 4.15 14.03
N ALA A 228 -5.68 3.04 14.05
CA ALA A 228 -6.24 1.81 14.61
C ALA A 228 -6.56 2.00 16.09
N LEU A 229 -5.74 2.81 16.76
CA LEU A 229 -6.00 3.12 18.15
C LEU A 229 -7.26 3.96 18.34
N ILE A 230 -7.70 4.71 17.31
CA ILE A 230 -8.98 5.41 17.42
C ILE A 230 -10.11 4.40 17.65
N GLU A 231 -10.10 3.32 16.88
CA GLU A 231 -11.11 2.27 17.03
C GLU A 231 -11.05 1.65 18.43
N TYR A 232 -9.88 1.14 18.80
CA TYR A 232 -9.65 0.58 20.14
C TYR A 232 -10.14 1.51 21.23
N ALA A 233 -9.69 2.77 21.22
CA ALA A 233 -10.04 3.70 22.28
C ALA A 233 -11.50 4.12 22.27
N ALA A 234 -12.20 3.95 21.16
CA ALA A 234 -13.64 4.25 21.15
C ALA A 234 -14.49 3.01 21.42
N GLY A 235 -13.86 1.84 21.63
CA GLY A 235 -14.63 0.64 21.87
C GLY A 235 -15.35 0.08 20.66
N ILE A 236 -14.90 0.42 19.44
CA ILE A 236 -15.52 -0.05 18.21
C ILE A 236 -14.48 -0.86 17.43
N ASP A 237 -14.97 -1.57 16.42
CA ASP A 237 -14.14 -2.45 15.57
C ASP A 237 -14.86 -2.44 14.24
N LEU A 238 -14.46 -1.53 13.36
CA LEU A 238 -15.20 -1.32 12.12
C LEU A 238 -15.07 -2.53 11.21
N PRO A 239 -16.15 -2.90 10.50
CA PRO A 239 -16.08 -4.02 9.55
C PRO A 239 -15.26 -3.67 8.32
N ASP A 240 -14.67 -4.72 7.73
CA ASP A 240 -13.81 -4.55 6.55
C ASP A 240 -14.50 -3.69 5.48
N HIS A 241 -15.78 -3.97 5.18
CA HIS A 241 -16.36 -3.27 4.03
C HIS A 241 -16.59 -1.80 4.32
N VAL A 242 -16.60 -1.39 5.59
CA VAL A 242 -16.75 0.03 5.93
C VAL A 242 -15.37 0.68 5.92
N ILE A 243 -14.43 0.12 6.69
CA ILE A 243 -13.19 0.89 6.91
C ILE A 243 -12.28 0.86 5.68
N TYR A 244 -12.43 -0.12 4.78
CA TYR A 244 -11.67 -0.15 3.54
C TYR A 244 -12.48 0.38 2.37
N HIS A 245 -13.63 0.98 2.66
CA HIS A 245 -14.32 1.74 1.63
C HIS A 245 -13.45 2.91 1.19
N PRO A 246 -13.40 3.25 -0.12
CA PRO A 246 -12.48 4.30 -0.58
C PRO A 246 -12.66 5.65 0.10
N THR A 247 -13.87 5.99 0.57
CA THR A 247 -14.03 7.32 1.18
C THR A 247 -13.42 7.37 2.57
N LEU A 248 -13.54 6.28 3.37
CA LEU A 248 -12.84 6.29 4.65
C LEU A 248 -11.32 6.17 4.46
N ALA A 249 -10.88 5.32 3.54
CA ALA A 249 -9.44 5.22 3.30
C ALA A 249 -8.86 6.56 2.88
N ALA A 250 -9.63 7.33 2.07
CA ALA A 250 -9.21 8.69 1.66
C ALA A 250 -9.18 9.68 2.83
N MET A 251 -10.17 9.62 3.75
CA MET A 251 -10.14 10.51 4.91
C MET A 251 -8.95 10.18 5.80
N GLU A 252 -8.63 8.90 5.92
CA GLU A 252 -7.46 8.49 6.67
C GLU A 252 -6.19 9.05 6.03
N GLU A 253 -6.07 8.91 4.72
CA GLU A 253 -4.86 9.39 4.06
C GLU A 253 -4.77 10.91 4.19
N ALA A 254 -5.89 11.60 4.03
CA ALA A 254 -5.88 13.06 4.15
C ALA A 254 -5.44 13.49 5.54
N THR A 255 -5.87 12.75 6.57
CA THR A 255 -5.45 13.00 7.94
C THR A 255 -3.97 12.67 8.13
N ASN A 256 -3.54 11.48 7.69
CA ASN A 256 -2.11 11.12 7.65
C ASN A 256 -1.29 12.27 7.05
N ASP A 257 -1.68 12.69 5.84
CA ASP A 257 -0.94 13.74 5.14
C ASP A 257 -0.92 15.06 5.91
N LEU A 258 -2.06 15.48 6.50
CA LEU A 258 -1.98 16.69 7.32
C LEU A 258 -0.98 16.54 8.46
N VAL A 259 -1.17 15.52 9.29
CA VAL A 259 -0.32 15.36 10.47
C VAL A 259 1.14 15.27 10.06
N THR A 260 1.41 14.49 9.02
CA THR A 260 2.79 14.22 8.60
C THR A 260 3.44 15.39 7.88
N TRP A 261 2.76 15.97 6.90
CA TRP A 261 3.38 17.07 6.19
C TRP A 261 3.51 18.29 7.08
N SER A 262 2.55 18.53 7.99
CA SER A 262 2.73 19.61 8.95
C SER A 262 3.91 19.32 9.88
N ASN A 263 4.08 18.04 10.25
CA ASN A 263 5.28 17.69 11.00
C ASN A 263 6.56 17.97 10.22
N ASP A 264 6.58 17.67 8.92
CA ASP A 264 7.80 17.98 8.18
C ASP A 264 8.15 19.45 8.35
N ILE A 265 7.15 20.34 8.39
CA ILE A 265 7.44 21.75 8.56
C ILE A 265 7.96 22.02 9.98
N PHE A 266 7.24 21.56 11.01
CA PHE A 266 7.61 21.85 12.40
C PHE A 266 8.93 21.21 12.79
N SER A 267 9.21 20.01 12.24
CA SER A 267 10.40 19.28 12.64
C SER A 267 11.58 19.46 11.68
N TYR A 268 11.42 20.25 10.62
CA TYR A 268 12.52 20.49 9.71
C TYR A 268 13.76 20.99 10.46
N ASN A 269 13.56 21.92 11.40
CA ASN A 269 14.69 22.50 12.11
C ASN A 269 15.51 21.44 12.83
N LYS A 270 14.87 20.64 13.68
CA LYS A 270 15.65 19.62 14.38
C LYS A 270 16.22 18.56 13.44
N GLU A 271 15.52 18.22 12.34
CA GLU A 271 16.00 17.18 11.43
C GLU A 271 17.19 17.68 10.60
N GLN A 272 17.16 18.94 10.19
CA GLN A 272 18.28 19.45 9.34
C GLN A 272 19.60 19.54 10.10
N VAL A 273 19.56 19.63 11.43
CA VAL A 273 20.78 19.58 12.24
C VAL A 273 21.70 18.43 11.79
N THR A 274 21.13 17.25 11.47
CA THR A 274 21.97 16.13 11.05
C THR A 274 21.82 15.82 9.57
N ASP A 275 21.35 16.81 8.79
CA ASP A 275 21.12 16.66 7.34
C ASP A 275 20.26 15.45 7.05
N ASP A 276 19.28 15.23 7.93
CA ASP A 276 18.25 14.23 7.67
C ASP A 276 17.36 14.71 6.52
N THR A 277 17.40 14.04 5.38
CA THR A 277 16.62 14.44 4.22
C THR A 277 15.25 13.70 4.10
N HIS A 278 14.81 12.99 5.14
CA HIS A 278 13.48 12.34 5.11
C HIS A 278 12.45 13.34 5.63
N ASN A 279 12.17 14.31 4.75
CA ASN A 279 11.40 15.51 5.05
C ASN A 279 11.06 16.15 3.72
N MET A 280 9.80 16.54 3.49
CA MET A 280 9.48 17.03 2.16
C MET A 280 10.22 18.32 1.79
N ILE A 281 10.70 19.10 2.77
CA ILE A 281 11.35 20.38 2.47
C ILE A 281 12.65 20.16 1.71
N PRO A 282 13.65 19.41 2.22
CA PRO A 282 14.84 19.15 1.39
C PRO A 282 14.52 18.39 0.12
N VAL A 283 13.51 17.51 0.17
CA VAL A 283 13.09 16.81 -1.03
C VAL A 283 12.66 17.81 -2.10
N LEU A 284 11.86 18.80 -1.70
CA LEU A 284 11.36 19.79 -2.66
C LEU A 284 12.48 20.67 -3.19
N MET A 285 13.37 21.13 -2.30
CA MET A 285 14.50 21.96 -2.72
C MET A 285 15.35 21.23 -3.74
N ARG A 286 15.67 19.96 -3.49
N ARG A 286 15.69 19.97 -3.48
CA ARG A 286 16.49 19.22 -4.45
CA ARG A 286 16.48 19.23 -4.46
C ARG A 286 15.77 18.98 -5.77
C ARG A 286 15.73 19.08 -5.77
N GLU A 287 14.50 18.54 -5.71
CA GLU A 287 13.82 18.14 -6.95
C GLU A 287 13.41 19.34 -7.79
N ARG A 288 12.97 20.43 -7.17
CA ARG A 288 12.38 21.54 -7.91
C ARG A 288 13.16 22.83 -7.81
N GLY A 289 14.35 22.83 -7.21
CA GLY A 289 15.15 24.04 -7.12
C GLY A 289 14.54 25.14 -6.29
N LEU A 290 13.55 24.86 -5.45
CA LEU A 290 13.05 25.91 -4.58
C LEU A 290 14.07 26.23 -3.51
N ASP A 291 14.06 27.48 -3.04
CA ASP A 291 14.75 27.83 -1.81
C ASP A 291 13.96 27.36 -0.59
N LEU A 292 14.53 27.61 0.58
CA LEU A 292 13.92 27.12 1.82
C LEU A 292 12.48 27.65 1.98
N GLN A 293 12.29 28.98 1.97
CA GLN A 293 10.94 29.51 2.16
C GLN A 293 9.98 28.99 1.09
N GLY A 294 10.46 28.87 -0.15
CA GLY A 294 9.59 28.38 -1.21
C GLY A 294 9.10 26.97 -0.95
N ALA A 295 10.00 26.08 -0.52
CA ALA A 295 9.59 24.71 -0.21
C ALA A 295 8.65 24.68 1.00
N VAL A 296 8.96 25.46 2.04
CA VAL A 296 8.12 25.52 3.24
C VAL A 296 6.71 25.95 2.84
N ASP A 297 6.62 27.03 2.05
CA ASP A 297 5.34 27.55 1.60
C ASP A 297 4.59 26.52 0.78
N PHE A 298 5.31 25.79 -0.07
CA PHE A 298 4.73 24.73 -0.87
C PHE A 298 4.07 23.67 0.01
N VAL A 299 4.78 23.16 1.03
CA VAL A 299 4.19 22.19 1.97
C VAL A 299 3.04 22.81 2.72
N GLY A 300 3.12 24.11 3.03
CA GLY A 300 1.98 24.80 3.63
C GLY A 300 0.71 24.70 2.80
N ARG A 301 0.80 25.01 1.51
CA ARG A 301 -0.38 24.90 0.64
C ARG A 301 -0.90 23.48 0.60
N LEU A 302 0.02 22.50 0.51
CA LEU A 302 -0.39 21.11 0.59
C LEU A 302 -1.18 20.83 1.85
N CYS A 303 -0.75 21.40 2.99
CA CYS A 303 -1.46 21.14 4.24
C CYS A 303 -2.88 21.66 4.17
N LYS A 304 -3.07 22.87 3.66
CA LYS A 304 -4.43 23.38 3.51
C LYS A 304 -5.23 22.51 2.57
N GLY A 305 -4.63 22.10 1.45
CA GLY A 305 -5.32 21.24 0.49
C GLY A 305 -5.75 19.88 1.04
N THR A 306 -4.97 19.29 1.94
CA THR A 306 -5.38 18.00 2.49
C THR A 306 -6.49 18.14 3.53
N ILE A 307 -6.51 19.25 4.29
CA ILE A 307 -7.67 19.45 5.17
C ILE A 307 -8.93 19.59 4.31
N GLU A 308 -8.82 20.33 3.20
CA GLU A 308 -9.94 20.44 2.27
C GLU A 308 -10.35 19.10 1.73
N ARG A 309 -9.38 18.26 1.35
CA ARG A 309 -9.70 16.90 0.90
C ARG A 309 -10.49 16.14 1.97
N PHE A 310 -10.08 16.24 3.24
CA PHE A 310 -10.81 15.59 4.33
C PHE A 310 -12.26 16.03 4.37
N GLU A 311 -12.50 17.35 4.22
CA GLU A 311 -13.88 17.81 4.29
C GLU A 311 -14.68 17.33 3.08
N THR A 312 -14.03 17.34 1.90
CA THR A 312 -14.71 16.94 0.66
C THR A 312 -15.10 15.47 0.70
N GLU A 313 -14.20 14.61 1.16
CA GLU A 313 -14.54 13.20 1.29
C GLU A 313 -15.59 13.01 2.37
N ARG A 314 -15.49 13.81 3.43
CA ARG A 314 -16.46 13.71 4.51
C ARG A 314 -17.87 13.91 4.00
N ALA A 315 -18.05 14.86 3.09
CA ALA A 315 -19.38 15.20 2.59
C ALA A 315 -19.98 14.10 1.71
N ARG A 316 -19.18 13.16 1.21
CA ARG A 316 -19.76 12.10 0.41
C ARG A 316 -19.62 10.72 1.05
N LEU A 317 -19.53 10.67 2.37
CA LEU A 317 -19.60 9.38 3.06
C LEU A 317 -20.89 8.65 2.72
N PRO A 318 -20.85 7.36 2.41
CA PRO A 318 -22.09 6.59 2.23
C PRO A 318 -22.77 6.34 3.55
N SER A 319 -23.94 5.70 3.53
CA SER A 319 -24.62 5.26 4.72
C SER A 319 -24.65 3.75 4.76
N TRP A 320 -24.35 3.18 5.93
CA TRP A 320 -24.55 1.76 6.19
C TRP A 320 -25.63 1.53 7.25
N GLY A 321 -26.55 2.46 7.43
CA GLY A 321 -27.54 2.36 8.49
C GLY A 321 -27.08 2.97 9.82
N PRO A 322 -28.04 3.19 10.73
CA PRO A 322 -27.75 4.06 11.91
C PRO A 322 -26.66 3.53 12.83
N GLU A 323 -26.64 2.23 13.12
CA GLU A 323 -25.61 1.68 13.99
C GLU A 323 -24.20 1.92 13.41
N LEU A 324 -23.94 1.45 12.19
CA LEU A 324 -22.62 1.63 11.58
C LEU A 324 -22.32 3.09 11.33
N ASP A 325 -23.33 3.88 10.95
CA ASP A 325 -23.11 5.30 10.69
C ASP A 325 -22.60 6.03 11.94
N ALA A 326 -23.12 5.67 13.12
CA ALA A 326 -22.65 6.28 14.35
C ALA A 326 -21.20 5.89 14.64
N GLN A 327 -20.84 4.63 14.38
CA GLN A 327 -19.46 4.23 14.59
C GLN A 327 -18.52 4.95 13.62
N VAL A 328 -18.95 5.13 12.37
CA VAL A 328 -18.17 5.89 11.40
C VAL A 328 -17.96 7.33 11.86
N GLN A 329 -19.05 7.99 12.31
CA GLN A 329 -18.91 9.36 12.83
C GLN A 329 -17.94 9.42 14.00
N THR A 330 -17.98 8.42 14.87
CA THR A 330 -17.05 8.38 15.98
C THR A 330 -15.62 8.31 15.49
N TYR A 331 -15.38 7.45 14.49
CA TYR A 331 -14.03 7.27 13.92
C TYR A 331 -13.53 8.54 13.23
N ILE A 332 -14.38 9.18 12.41
CA ILE A 332 -14.08 10.42 11.70
C ILE A 332 -13.77 11.55 12.66
N GLU A 333 -14.51 11.63 13.79
CA GLU A 333 -14.18 12.64 14.80
C GLU A 333 -12.79 12.38 15.38
N GLY A 334 -12.40 11.12 15.56
CA GLY A 334 -11.03 10.81 15.92
C GLY A 334 -10.01 11.35 14.93
N LEU A 335 -10.28 11.21 13.64
CA LEU A 335 -9.37 11.76 12.63
C LEU A 335 -9.28 13.29 12.74
N GLN A 336 -10.45 13.91 12.88
CA GLN A 336 -10.59 15.31 13.16
C GLN A 336 -9.76 15.70 14.38
N ASN A 337 -9.88 14.97 15.49
CA ASN A 337 -9.13 15.33 16.69
C ASN A 337 -7.62 15.20 16.48
N TRP A 338 -7.19 14.28 15.62
CA TRP A 338 -5.77 14.20 15.24
C TRP A 338 -5.32 15.45 14.48
N ILE A 339 -6.13 15.97 13.56
CA ILE A 339 -5.71 17.17 12.85
C ILE A 339 -5.51 18.34 13.82
N VAL A 340 -6.55 18.65 14.62
CA VAL A 340 -6.51 19.85 15.45
C VAL A 340 -5.57 19.63 16.64
N GLY A 341 -5.59 18.43 17.21
CA GLY A 341 -4.73 18.16 18.35
C GLY A 341 -3.25 18.21 18.01
N SER A 342 -2.85 17.63 16.88
CA SER A 342 -1.42 17.57 16.57
C SER A 342 -0.89 18.95 16.20
N LEU A 343 -1.72 19.75 15.54
CA LEU A 343 -1.30 21.10 15.19
C LEU A 343 -1.03 21.94 16.44
N HIS A 344 -1.93 21.88 17.43
CA HIS A 344 -1.69 22.73 18.60
C HIS A 344 -0.61 22.13 19.48
N TRP A 345 -0.58 20.80 19.60
CA TRP A 345 0.42 20.14 20.43
C TRP A 345 1.83 20.47 19.98
N SER A 346 2.06 20.58 18.65
CA SER A 346 3.43 20.79 18.14
C SER A 346 4.10 22.04 18.72
N PHE A 347 3.30 23.00 19.21
CA PHE A 347 3.84 24.22 19.83
C PHE A 347 3.89 24.15 21.35
N ASP A 348 3.17 23.19 21.95
CA ASP A 348 3.27 22.96 23.39
C ASP A 348 4.50 22.13 23.75
N SER A 349 4.78 21.09 22.96
CA SER A 349 5.95 20.23 23.14
C SER A 349 7.24 21.04 23.05
N HIS A 350 8.30 20.52 23.67
CA HIS A 350 9.64 21.08 23.45
C HIS A 350 10.38 20.38 22.30
N ARG A 351 9.77 19.39 21.67
CA ARG A 351 10.46 18.58 20.67
C ARG A 351 10.90 19.41 19.47
N TYR A 352 10.07 20.35 19.02
CA TYR A 352 10.34 21.06 17.77
C TYR A 352 10.89 22.46 17.97
N PHE A 353 10.39 23.18 18.98
CA PHE A 353 10.79 24.56 19.24
C PHE A 353 11.45 24.74 20.60
N GLY A 354 11.88 23.66 21.25
CA GLY A 354 12.45 23.80 22.59
C GLY A 354 11.50 24.51 23.55
N LYS A 355 12.01 25.47 24.32
CA LYS A 355 11.12 26.20 25.21
C LYS A 355 10.35 27.34 24.51
N ASP A 356 10.46 27.52 23.20
CA ASP A 356 9.93 28.69 22.52
C ASP A 356 8.64 28.45 21.72
N GLY A 357 7.99 27.30 21.88
CA GLY A 357 6.84 26.97 21.03
C GLY A 357 5.73 28.00 21.05
N HIS A 358 5.39 28.54 22.24
CA HIS A 358 4.29 29.50 22.29
C HIS A 358 4.69 30.83 21.64
N ALA A 359 5.95 31.23 21.80
CA ALA A 359 6.39 32.42 21.10
C ALA A 359 6.38 32.21 19.59
N VAL A 360 6.82 31.04 19.13
CA VAL A 360 6.86 30.79 17.69
C VAL A 360 5.44 30.70 17.12
N LYS A 361 4.53 30.09 17.87
CA LYS A 361 3.16 30.04 17.40
C LYS A 361 2.64 31.44 17.08
N LYS A 362 3.04 32.43 17.89
N LYS A 362 3.02 32.41 17.91
CA LYS A 362 2.56 33.77 17.58
CA LYS A 362 2.62 33.80 17.66
C LYS A 362 3.44 34.53 16.59
C LYS A 362 3.45 34.44 16.54
N HIS A 363 4.78 34.47 16.69
CA HIS A 363 5.60 35.25 15.78
C HIS A 363 6.05 34.52 14.52
N ARG A 364 6.02 33.17 14.50
CA ARG A 364 6.19 32.33 13.31
C ARG A 364 7.58 32.39 12.68
N ILE A 365 8.56 32.96 13.34
CA ILE A 365 9.94 32.98 12.82
C ILE A 365 10.68 31.79 13.42
N VAL A 366 11.24 30.94 12.55
CA VAL A 366 12.03 29.79 12.99
C VAL A 366 13.51 30.09 12.74
N LYS A 367 14.29 30.15 13.82
CA LYS A 367 15.74 30.35 13.76
C LYS A 367 16.39 28.98 13.64
N LEU A 368 17.10 28.76 12.53
CA LEU A 368 17.66 27.45 12.21
C LEU A 368 18.74 27.06 13.22
N LEU A 369 18.65 25.84 13.73
CA LEU A 369 19.62 25.38 14.71
C LEU A 369 20.96 25.13 14.03
N PRO A 370 22.07 25.20 14.78
CA PRO A 370 23.38 24.85 14.22
C PRO A 370 23.48 23.40 13.76
N LYS A 371 24.06 23.19 12.58
CA LYS A 371 24.29 21.82 12.09
C LYS A 371 25.39 21.13 12.86
N ARG A 372 25.27 19.80 12.96
CA ARG A 372 26.32 19.00 13.57
C ARG A 372 27.62 19.13 12.80
N VAL A 373 27.56 19.00 11.48
CA VAL A 373 28.66 19.32 10.58
C VAL A 373 28.22 20.51 9.72
N PRO A 374 28.96 21.63 9.72
CA PRO A 374 28.59 22.77 8.87
C PRO A 374 28.46 22.38 7.42
N GLN A 375 27.51 23.03 6.75
N GLN A 375 27.48 22.97 6.73
CA GLN A 375 27.21 22.78 5.34
CA GLN A 375 27.31 22.60 5.33
C GLN A 375 28.47 22.78 4.48
C GLN A 375 28.54 22.96 4.51
N GLN A 376 29.31 23.79 4.65
N GLN A 376 29.31 23.97 4.92
CA GLN A 376 30.47 23.98 3.79
CA GLN A 376 30.52 24.39 4.20
C GLN A 376 31.75 23.37 4.37
C GLN A 376 31.77 23.61 4.64
N ALA A 377 31.63 22.52 5.38
CA ALA A 377 32.79 21.84 5.96
C ALA A 377 33.70 21.22 4.90
N ALA B 44 -16.59 10.07 -34.39
CA ALA B 44 -16.60 8.86 -33.58
C ALA B 44 -15.77 7.75 -34.22
N PRO B 45 -14.80 7.23 -33.48
CA PRO B 45 -13.85 6.30 -34.07
C PRO B 45 -14.40 4.89 -34.17
N THR B 46 -13.92 4.17 -35.19
CA THR B 46 -14.32 2.81 -35.46
C THR B 46 -13.19 1.80 -35.30
N LYS B 47 -11.95 2.26 -35.14
CA LYS B 47 -10.84 1.35 -34.96
C LYS B 47 -9.67 2.12 -34.37
N PHE B 48 -8.63 1.38 -33.98
CA PHE B 48 -7.40 2.05 -33.58
C PHE B 48 -6.21 1.14 -33.88
N ILE B 49 -5.02 1.73 -33.76
CA ILE B 49 -3.74 1.07 -34.05
C ILE B 49 -3.06 0.67 -32.76
N LEU B 50 -2.70 -0.60 -32.65
CA LEU B 50 -1.99 -1.13 -31.50
C LEU B 50 -0.53 -0.65 -31.48
N PRO B 51 -0.04 -0.04 -30.39
CA PRO B 51 1.40 0.21 -30.29
C PRO B 51 2.15 -1.12 -30.38
N ASP B 52 3.36 -1.07 -30.93
CA ASP B 52 4.14 -2.29 -31.07
C ASP B 52 4.90 -2.51 -29.77
N LEU B 53 4.43 -3.48 -28.98
CA LEU B 53 5.07 -3.74 -27.71
C LEU B 53 5.89 -5.01 -27.74
N VAL B 54 5.69 -5.85 -28.75
CA VAL B 54 6.28 -7.18 -28.78
C VAL B 54 7.63 -7.18 -29.48
N SER B 55 7.76 -6.38 -30.54
CA SER B 55 8.99 -6.40 -31.31
C SER B 55 10.13 -5.79 -30.53
N ASP B 56 9.80 -4.84 -29.65
CA ASP B 56 10.82 -4.24 -28.79
C ASP B 56 11.40 -5.25 -27.81
N CYS B 57 10.53 -6.03 -27.18
CA CYS B 57 10.93 -6.88 -26.07
C CYS B 57 11.88 -7.99 -26.53
N THR B 58 13.08 -8.05 -25.94
CA THR B 58 14.09 -9.02 -26.32
C THR B 58 14.34 -10.11 -25.27
N TYR B 59 13.52 -10.20 -24.22
CA TYR B 59 13.62 -11.34 -23.33
C TYR B 59 13.28 -12.63 -24.08
N PRO B 60 13.97 -13.73 -23.80
CA PRO B 60 13.59 -15.01 -24.42
C PRO B 60 12.20 -15.45 -23.98
N LEU B 61 11.43 -16.00 -24.91
CA LEU B 61 10.10 -16.52 -24.60
C LEU B 61 10.21 -18.02 -24.34
N LEU B 62 9.85 -18.45 -23.13
CA LEU B 62 10.02 -19.85 -22.74
C LEU B 62 8.64 -20.46 -22.57
N LEU B 63 8.59 -21.80 -22.54
CA LEU B 63 7.36 -22.54 -22.32
C LEU B 63 7.69 -23.76 -21.51
N ASN B 64 7.01 -23.91 -20.38
CA ASN B 64 7.13 -25.10 -19.53
C ASN B 64 6.89 -26.36 -20.35
N ASP B 65 7.77 -27.34 -20.12
CA ASP B 65 7.67 -28.63 -20.81
C ASP B 65 6.39 -29.38 -20.48
N ASN B 66 5.76 -29.08 -19.33
CA ASN B 66 4.57 -29.77 -18.86
C ASN B 66 3.26 -29.12 -19.32
N CYS B 67 3.35 -28.15 -20.24
CA CYS B 67 2.24 -27.26 -20.55
C CYS B 67 0.97 -27.99 -20.96
N GLU B 68 1.03 -28.82 -22.03
N GLU B 68 1.04 -28.83 -22.00
CA GLU B 68 -0.20 -29.33 -22.63
CA GLU B 68 -0.16 -29.33 -22.65
C GLU B 68 -1.04 -30.17 -21.67
C GLU B 68 -1.03 -30.20 -21.74
N PRO B 69 -0.53 -31.25 -21.07
CA PRO B 69 -1.41 -32.03 -20.18
C PRO B 69 -1.92 -31.26 -18.95
N VAL B 70 -1.13 -30.34 -18.42
CA VAL B 70 -1.56 -29.59 -17.24
C VAL B 70 -2.66 -28.60 -17.62
N ALA B 71 -2.50 -27.91 -18.76
CA ALA B 71 -3.52 -26.97 -19.23
C ALA B 71 -4.86 -27.67 -19.48
N ARG B 72 -4.85 -28.82 -20.16
CA ARG B 72 -6.11 -29.55 -20.38
C ARG B 72 -6.74 -29.98 -19.07
N ALA B 73 -5.92 -30.54 -18.16
CA ALA B 73 -6.46 -30.96 -16.86
C ALA B 73 -7.06 -29.78 -16.11
N SER B 74 -6.37 -28.63 -16.10
CA SER B 74 -6.89 -27.49 -15.35
C SER B 74 -8.15 -26.93 -16.00
N GLU B 75 -8.21 -26.94 -17.34
CA GLU B 75 -9.47 -26.61 -18.00
C GLU B 75 -10.65 -27.41 -17.45
N GLN B 76 -10.47 -28.73 -17.24
CA GLN B 76 -11.57 -29.55 -16.75
C GLN B 76 -11.84 -29.28 -15.27
N TRP B 77 -10.79 -28.99 -14.51
CA TRP B 77 -10.98 -28.60 -13.11
C TRP B 77 -11.85 -27.33 -13.00
N LEU B 78 -11.62 -26.35 -13.88
CA LEU B 78 -12.38 -25.10 -13.83
C LEU B 78 -13.84 -25.31 -14.27
N ILE B 79 -14.06 -26.01 -15.38
CA ILE B 79 -15.43 -26.25 -15.86
C ILE B 79 -16.25 -26.91 -14.77
N ALA B 80 -15.64 -27.86 -14.08
CA ALA B 80 -16.31 -28.52 -12.98
C ALA B 80 -16.52 -27.56 -11.82
N GLY B 81 -15.46 -26.82 -11.44
CA GLY B 81 -15.53 -26.03 -10.22
C GLY B 81 -16.43 -24.81 -10.33
N ALA B 82 -16.47 -24.19 -11.50
CA ALA B 82 -17.34 -23.06 -11.75
C ALA B 82 -18.68 -23.45 -12.37
N ARG B 83 -18.91 -24.75 -12.60
CA ARG B 83 -20.12 -25.27 -13.21
C ARG B 83 -20.40 -24.56 -14.53
N LEU B 84 -19.37 -24.47 -15.36
CA LEU B 84 -19.47 -23.73 -16.60
C LEU B 84 -20.41 -24.45 -17.57
N GLN B 85 -21.25 -23.66 -18.23
CA GLN B 85 -22.11 -24.15 -19.28
C GLN B 85 -21.97 -23.22 -20.45
N GLU B 86 -22.55 -23.61 -21.57
CA GLU B 86 -22.54 -22.73 -22.71
C GLU B 86 -23.36 -21.49 -22.37
N PRO B 87 -23.01 -20.32 -22.94
CA PRO B 87 -21.92 -20.09 -23.90
C PRO B 87 -20.53 -19.99 -23.26
N ARG B 88 -20.47 -19.69 -21.97
CA ARG B 88 -19.19 -19.43 -21.32
C ARG B 88 -18.20 -20.56 -21.56
N ARG B 89 -18.66 -21.81 -21.49
CA ARG B 89 -17.78 -22.96 -21.61
C ARG B 89 -16.94 -22.88 -22.89
N THR B 90 -17.59 -22.59 -24.02
CA THR B 90 -16.85 -22.52 -25.27
C THR B 90 -15.92 -21.31 -25.31
N LYS B 91 -16.36 -20.18 -24.73
CA LYS B 91 -15.46 -19.05 -24.62
C LYS B 91 -14.25 -19.41 -23.77
N PHE B 92 -14.46 -20.17 -22.69
CA PHE B 92 -13.37 -20.54 -21.81
C PHE B 92 -12.33 -21.42 -22.51
N MET B 93 -12.75 -22.25 -23.47
CA MET B 93 -11.81 -23.16 -24.10
C MET B 93 -10.82 -22.42 -24.99
N GLY B 94 -11.10 -21.16 -25.34
CA GLY B 94 -10.18 -20.31 -26.05
C GLY B 94 -9.45 -19.28 -25.17
N LEU B 95 -9.58 -19.38 -23.84
CA LEU B 95 -8.82 -18.50 -22.94
C LEU B 95 -7.33 -18.82 -22.97
N LEU B 96 -6.99 -20.10 -22.77
CA LEU B 96 -5.61 -20.60 -22.83
C LEU B 96 -4.76 -20.00 -21.71
N ALA B 97 -5.34 -19.96 -20.49
CA ALA B 97 -4.60 -19.50 -19.33
C ALA B 97 -3.49 -20.49 -18.97
N GLY B 98 -3.69 -21.78 -19.29
CA GLY B 98 -2.67 -22.79 -19.02
C GLY B 98 -1.41 -22.50 -19.81
N GLU B 99 -1.57 -22.00 -21.01
CA GLU B 99 -0.46 -21.60 -21.87
C GLU B 99 0.15 -20.27 -21.43
N LEU B 100 -0.66 -19.33 -20.89
CA LEU B 100 -0.09 -18.16 -20.24
C LEU B 100 0.80 -18.59 -19.09
N THR B 101 0.25 -19.40 -18.21
CA THR B 101 0.94 -19.77 -17.00
C THR B 101 2.24 -20.50 -17.32
N ALA B 102 2.21 -21.33 -18.37
CA ALA B 102 3.39 -22.13 -18.72
C ALA B 102 4.51 -21.25 -19.24
N ALA B 103 4.18 -20.10 -19.82
CA ALA B 103 5.18 -19.13 -20.29
C ALA B 103 5.72 -18.26 -19.18
N CYS B 104 4.90 -18.06 -18.14
CA CYS B 104 5.26 -17.21 -17.00
C CYS B 104 5.97 -17.98 -15.90
N TYR B 105 5.71 -19.28 -15.78
CA TYR B 105 6.44 -20.17 -14.88
C TYR B 105 7.04 -21.34 -15.67
N PRO B 106 7.98 -21.06 -16.58
CA PRO B 106 8.46 -22.12 -17.48
C PRO B 106 9.37 -23.15 -16.82
N HIS B 107 9.81 -22.95 -15.58
CA HIS B 107 10.68 -23.94 -14.93
C HIS B 107 9.96 -24.73 -13.85
N ALA B 108 8.69 -24.43 -13.56
CA ALA B 108 7.96 -25.14 -12.52
C ALA B 108 7.82 -26.63 -12.82
N ASP B 109 7.93 -27.47 -11.80
CA ASP B 109 7.63 -28.88 -12.03
C ASP B 109 6.11 -29.06 -12.25
N ALA B 110 5.68 -30.30 -12.53
CA ALA B 110 4.29 -30.46 -12.97
C ALA B 110 3.31 -30.18 -11.84
N SER B 111 3.66 -30.54 -10.60
CA SER B 111 2.77 -30.33 -9.46
C SER B 111 2.55 -28.84 -9.20
N HIS B 112 3.65 -28.08 -9.19
CA HIS B 112 3.60 -26.63 -8.95
C HIS B 112 2.96 -25.89 -10.11
N LEU B 113 3.26 -26.30 -11.34
CA LEU B 113 2.64 -25.64 -12.48
C LEU B 113 1.12 -25.76 -12.43
N ARG B 114 0.63 -26.93 -12.03
CA ARG B 114 -0.83 -27.14 -12.03
C ARG B 114 -1.51 -26.30 -10.95
N VAL B 115 -0.86 -26.14 -9.80
CA VAL B 115 -1.40 -25.21 -8.82
C VAL B 115 -1.47 -23.81 -9.43
N CYS B 116 -0.41 -23.39 -10.17
CA CYS B 116 -0.43 -22.07 -10.79
C CYS B 116 -1.54 -21.94 -11.81
N VAL B 117 -1.78 -22.99 -12.62
CA VAL B 117 -2.75 -22.88 -13.71
C VAL B 117 -4.17 -22.84 -13.18
N ASP B 118 -4.46 -23.74 -12.22
CA ASP B 118 -5.72 -23.72 -11.48
C ASP B 118 -6.01 -22.32 -10.91
N PHE B 119 -5.00 -21.70 -10.27
CA PHE B 119 -5.18 -20.33 -9.77
C PHE B 119 -5.51 -19.36 -10.92
N MET B 120 -4.82 -19.48 -12.05
CA MET B 120 -5.02 -18.53 -13.13
C MET B 120 -6.39 -18.70 -13.77
N ASN B 121 -6.81 -19.95 -13.98
CA ASN B 121 -8.17 -20.19 -14.46
C ASN B 121 -9.20 -19.67 -13.47
N TRP B 122 -8.99 -19.94 -12.19
CA TRP B 122 -9.86 -19.40 -11.15
C TRP B 122 -9.91 -17.88 -11.17
N LEU B 123 -8.76 -17.23 -11.42
CA LEU B 123 -8.69 -15.77 -11.37
C LEU B 123 -9.45 -15.15 -12.53
N PHE B 124 -9.27 -15.70 -13.74
CA PHE B 124 -10.01 -15.21 -14.90
C PHE B 124 -11.51 -15.47 -14.73
N ASN B 125 -11.88 -16.60 -14.16
CA ASN B 125 -13.29 -16.85 -13.91
C ASN B 125 -13.85 -15.90 -12.85
N MET B 126 -13.09 -15.70 -11.77
CA MET B 126 -13.50 -14.78 -10.71
C MET B 126 -13.67 -13.37 -11.26
N ASP B 127 -12.70 -12.90 -12.02
CA ASP B 127 -12.82 -11.58 -12.64
C ASP B 127 -14.13 -11.43 -13.40
N ASP B 128 -14.41 -12.41 -14.29
CA ASP B 128 -15.60 -12.33 -15.16
C ASP B 128 -16.89 -12.40 -14.34
N TRP B 129 -16.94 -13.25 -13.31
CA TRP B 129 -18.10 -13.26 -12.39
C TRP B 129 -18.31 -11.89 -11.75
N LEU B 130 -17.22 -11.29 -11.24
CA LEU B 130 -17.32 -10.06 -10.48
C LEU B 130 -17.68 -8.88 -11.35
N ASP B 131 -17.51 -9.00 -12.68
CA ASP B 131 -17.97 -7.94 -13.57
C ASP B 131 -19.48 -7.69 -13.46
N ASP B 132 -20.23 -8.67 -12.95
CA ASP B 132 -21.68 -8.55 -12.77
C ASP B 132 -22.10 -8.62 -11.31
N PHE B 133 -21.17 -8.49 -10.37
CA PHE B 133 -21.52 -8.40 -8.96
C PHE B 133 -21.73 -6.94 -8.56
N ASP B 134 -22.63 -6.73 -7.59
CA ASP B 134 -22.65 -5.41 -6.92
C ASP B 134 -21.60 -5.37 -5.79
N VAL B 135 -21.53 -4.24 -5.10
CA VAL B 135 -20.53 -4.07 -4.05
C VAL B 135 -20.73 -5.06 -2.92
N ASP B 136 -21.98 -5.18 -2.41
CA ASP B 136 -22.27 -6.10 -1.31
C ASP B 136 -21.80 -7.53 -1.62
N ASP B 137 -22.13 -8.03 -2.83
CA ASP B 137 -21.78 -9.40 -3.13
C ASP B 137 -20.29 -9.57 -3.39
N THR B 138 -19.60 -8.52 -3.84
CA THR B 138 -18.13 -8.60 -3.90
C THR B 138 -17.53 -8.87 -2.51
N TRP B 139 -17.98 -8.14 -1.49
CA TRP B 139 -17.45 -8.40 -0.16
C TRP B 139 -17.78 -9.82 0.31
N GLY B 140 -18.98 -10.31 -0.01
CA GLY B 140 -19.32 -11.67 0.36
C GLY B 140 -18.43 -12.71 -0.30
N MET B 141 -18.10 -12.51 -1.57
CA MET B 141 -17.15 -13.40 -2.26
C MET B 141 -15.76 -13.29 -1.65
N ARG B 142 -15.33 -12.06 -1.32
CA ARG B 142 -14.06 -11.88 -0.62
C ARG B 142 -14.04 -12.68 0.68
N HIS B 143 -15.11 -12.56 1.47
CA HIS B 143 -15.18 -13.28 2.73
C HIS B 143 -15.01 -14.79 2.53
N CYS B 144 -15.71 -15.37 1.54
N CYS B 144 -15.67 -15.35 1.52
CA CYS B 144 -15.64 -16.82 1.31
CA CYS B 144 -15.69 -16.79 1.28
C CYS B 144 -14.25 -17.27 0.89
C CYS B 144 -14.32 -17.31 0.82
N CYS B 145 -13.65 -16.56 -0.06
CA CYS B 145 -12.39 -17.04 -0.63
C CYS B 145 -11.21 -16.84 0.32
N LEU B 146 -11.13 -15.67 0.98
CA LEU B 146 -10.08 -15.48 1.97
C LEU B 146 -10.27 -16.42 3.16
N GLY B 147 -11.52 -16.72 3.52
CA GLY B 147 -11.72 -17.71 4.58
C GLY B 147 -11.14 -19.08 4.21
N ALA B 148 -11.34 -19.50 2.95
CA ALA B 148 -10.78 -20.77 2.52
C ALA B 148 -9.26 -20.73 2.42
N PHE B 149 -8.67 -19.60 1.97
CA PHE B 149 -7.20 -19.54 1.88
C PHE B 149 -6.58 -19.63 3.27
N ARG B 150 -7.15 -18.91 4.24
CA ARG B 150 -6.55 -18.80 5.56
C ARG B 150 -6.81 -20.03 6.42
N ASP B 151 -7.96 -20.68 6.28
CA ASP B 151 -8.34 -21.80 7.16
C ASP B 151 -9.12 -22.80 6.31
N PRO B 152 -8.46 -23.48 5.39
CA PRO B 152 -9.18 -24.45 4.56
C PRO B 152 -9.85 -25.55 5.37
N VAL B 153 -9.29 -25.94 6.51
CA VAL B 153 -9.90 -27.03 7.27
C VAL B 153 -11.14 -26.52 8.00
N GLY B 154 -11.00 -25.39 8.70
CA GLY B 154 -12.03 -24.93 9.62
C GLY B 154 -13.07 -24.02 9.02
N PHE B 155 -12.75 -23.35 7.90
CA PHE B 155 -13.69 -22.43 7.24
C PHE B 155 -14.74 -23.23 6.46
N GLU B 156 -15.98 -23.14 6.91
CA GLU B 156 -17.10 -23.80 6.25
C GLU B 156 -17.66 -22.90 5.16
N THR B 157 -17.84 -23.46 3.97
CA THR B 157 -18.52 -22.73 2.91
C THR B 157 -18.92 -23.73 1.84
N ASP B 158 -20.05 -23.46 1.16
N ASP B 158 -20.04 -23.42 1.17
CA ASP B 158 -20.45 -24.27 0.01
CA ASP B 158 -20.55 -24.22 0.07
C ASP B 158 -20.55 -23.44 -1.25
C ASP B 158 -20.63 -23.39 -1.22
N LYS B 159 -19.87 -22.29 -1.30
CA LYS B 159 -19.88 -21.46 -2.49
C LYS B 159 -18.78 -21.94 -3.43
N LEU B 160 -19.04 -21.89 -4.74
CA LEU B 160 -18.10 -22.40 -5.72
C LEU B 160 -16.78 -21.66 -5.65
N GLY B 161 -16.82 -20.35 -5.43
CA GLY B 161 -15.59 -19.57 -5.36
C GLY B 161 -14.67 -20.07 -4.27
N GLY B 162 -15.24 -20.29 -3.07
CA GLY B 162 -14.48 -20.74 -1.93
C GLY B 162 -14.09 -22.22 -1.98
N LEU B 163 -14.98 -23.07 -2.52
CA LEU B 163 -14.64 -24.47 -2.77
C LEU B 163 -13.42 -24.61 -3.69
N MET B 164 -13.40 -23.86 -4.80
CA MET B 164 -12.23 -23.90 -5.68
C MET B 164 -10.99 -23.35 -4.96
N SER B 165 -11.17 -22.25 -4.21
CA SER B 165 -10.07 -21.65 -3.43
C SER B 165 -9.40 -22.69 -2.54
N LYS B 166 -10.20 -23.43 -1.75
CA LYS B 166 -9.63 -24.49 -0.92
C LYS B 166 -8.89 -25.54 -1.77
N SER B 167 -9.46 -25.91 -2.92
CA SER B 167 -8.86 -26.96 -3.75
C SER B 167 -7.42 -26.61 -4.17
N PHE B 168 -7.24 -25.49 -4.88
CA PHE B 168 -5.86 -25.19 -5.29
C PHE B 168 -5.01 -24.68 -4.14
N PHE B 169 -5.57 -23.95 -3.18
CA PHE B 169 -4.68 -23.41 -2.14
C PHE B 169 -4.27 -24.45 -1.11
N SER B 170 -5.06 -25.51 -0.91
CA SER B 170 -4.57 -26.57 -0.03
C SER B 170 -3.47 -27.38 -0.71
N ARG B 171 -3.40 -27.37 -2.04
CA ARG B 171 -2.25 -27.94 -2.71
C ARG B 171 -1.05 -27.00 -2.66
N PHE B 172 -1.26 -25.67 -2.80
CA PHE B 172 -0.23 -24.67 -2.52
C PHE B 172 0.44 -24.94 -1.16
N ARG B 173 -0.39 -25.13 -0.13
CA ARG B 173 0.06 -25.21 1.25
C ARG B 173 0.94 -26.44 1.53
N GLN B 174 0.92 -27.44 0.64
CA GLN B 174 1.78 -28.61 0.82
C GLN B 174 3.25 -28.25 0.67
N ASP B 175 3.59 -27.18 -0.08
CA ASP B 175 4.98 -26.81 -0.32
C ASP B 175 5.34 -25.33 -0.09
N GLY B 176 4.38 -24.40 -0.22
CA GLY B 176 4.74 -22.99 -0.18
C GLY B 176 5.30 -22.59 1.19
N GLY B 177 6.35 -21.77 1.16
CA GLY B 177 6.87 -21.23 2.40
C GLY B 177 5.93 -20.24 3.06
N PRO B 178 6.14 -19.92 4.36
CA PRO B 178 5.19 -19.01 5.04
C PRO B 178 5.21 -17.60 4.47
N GLY B 179 6.37 -17.12 3.97
CA GLY B 179 6.43 -15.78 3.41
C GLY B 179 5.56 -15.61 2.17
N CYS B 180 5.74 -16.48 1.16
CA CYS B 180 4.91 -16.30 -0.02
C CYS B 180 3.48 -16.78 0.20
N THR B 181 3.26 -17.68 1.16
CA THR B 181 1.88 -18.00 1.53
C THR B 181 1.15 -16.75 1.97
N GLU B 182 1.77 -15.96 2.86
CA GLU B 182 1.08 -14.78 3.34
C GLU B 182 1.04 -13.69 2.27
N ARG B 183 2.10 -13.55 1.46
CA ARG B 183 2.02 -12.60 0.36
C ARG B 183 0.87 -12.94 -0.57
N PHE B 184 0.63 -14.22 -0.81
CA PHE B 184 -0.48 -14.58 -1.67
C PHE B 184 -1.82 -14.17 -1.06
N ILE B 185 -2.08 -14.57 0.19
CA ILE B 185 -3.36 -14.27 0.84
C ILE B 185 -3.53 -12.76 0.98
N HIS B 186 -2.50 -12.07 1.48
CA HIS B 186 -2.60 -10.62 1.68
C HIS B 186 -2.84 -9.88 0.38
N THR B 187 -2.20 -10.30 -0.75
CA THR B 187 -2.41 -9.56 -1.98
C THR B 187 -3.69 -9.99 -2.67
N MET B 188 -4.20 -11.18 -2.35
CA MET B 188 -5.58 -11.53 -2.77
C MET B 188 -6.59 -10.64 -2.02
N ASP B 189 -6.37 -10.45 -0.71
CA ASP B 189 -7.15 -9.49 0.07
C ASP B 189 -7.16 -8.11 -0.60
N LEU B 190 -5.98 -7.59 -0.92
CA LEU B 190 -5.91 -6.33 -1.65
C LEU B 190 -6.69 -6.36 -2.96
N PHE B 191 -6.63 -7.48 -3.69
CA PHE B 191 -7.36 -7.62 -4.93
C PHE B 191 -8.85 -7.42 -4.71
N PHE B 192 -9.42 -8.13 -3.72
CA PHE B 192 -10.85 -8.07 -3.49
C PHE B 192 -11.25 -6.66 -3.02
N ILE B 193 -10.43 -6.04 -2.16
CA ILE B 193 -10.79 -4.70 -1.69
C ILE B 193 -10.85 -3.74 -2.86
N ALA B 194 -9.87 -3.82 -3.78
CA ALA B 194 -9.84 -2.91 -4.92
C ALA B 194 -10.99 -3.23 -5.89
N VAL B 195 -11.32 -4.51 -6.08
CA VAL B 195 -12.40 -4.80 -7.04
C VAL B 195 -13.75 -4.31 -6.48
N ALA B 196 -13.91 -4.32 -5.15
CA ALA B 196 -15.10 -3.68 -4.55
C ALA B 196 -15.16 -2.19 -4.88
N GLN B 197 -14.02 -1.49 -4.82
CA GLN B 197 -13.99 -0.11 -5.29
C GLN B 197 -14.36 0.02 -6.78
N GLN B 198 -13.84 -0.87 -7.65
CA GLN B 198 -14.25 -0.86 -9.05
C GLN B 198 -15.76 -1.07 -9.18
N ALA B 199 -16.31 -2.04 -8.44
CA ALA B 199 -17.76 -2.29 -8.51
C ALA B 199 -18.55 -1.05 -8.11
N GLY B 200 -18.07 -0.31 -7.10
CA GLY B 200 -18.75 0.92 -6.70
C GLY B 200 -18.72 1.99 -7.77
N ASP B 201 -17.54 2.25 -8.35
CA ASP B 201 -17.45 3.16 -9.50
C ASP B 201 -18.39 2.76 -10.64
N ARG B 202 -18.50 1.47 -10.92
CA ARG B 202 -19.39 1.00 -11.98
C ARG B 202 -20.85 1.30 -11.63
N ALA B 203 -21.26 0.99 -10.40
CA ALA B 203 -22.64 1.29 -10.00
C ALA B 203 -22.91 2.79 -10.03
N ASN B 204 -21.89 3.59 -9.71
CA ASN B 204 -22.04 5.04 -9.67
C ASN B 204 -21.89 5.69 -11.04
N GLY B 205 -21.60 4.90 -12.08
CA GLY B 205 -21.33 5.46 -13.42
C GLY B 205 -20.16 6.41 -13.50
N ILE B 206 -19.12 6.20 -12.65
CA ILE B 206 -17.98 7.10 -12.48
C ILE B 206 -16.81 6.65 -13.36
N THR B 207 -16.06 7.59 -13.91
CA THR B 207 -14.74 7.29 -14.51
C THR B 207 -13.68 7.90 -13.60
N PRO B 208 -12.78 7.13 -13.00
CA PRO B 208 -11.89 7.73 -12.01
C PRO B 208 -10.91 8.68 -12.67
N ASP B 209 -10.26 9.50 -11.84
CA ASP B 209 -9.17 10.31 -12.34
C ASP B 209 -7.92 9.43 -12.44
N LEU B 210 -6.90 9.92 -13.17
CA LEU B 210 -5.77 9.08 -13.52
C LEU B 210 -4.97 8.61 -12.29
N GLU B 211 -4.63 9.51 -11.37
N GLU B 211 -4.59 9.51 -11.37
CA GLU B 211 -3.75 9.09 -10.29
CA GLU B 211 -3.75 9.01 -10.28
C GLU B 211 -4.47 8.13 -9.32
C GLU B 211 -4.51 8.02 -9.41
N SER B 212 -5.79 8.29 -9.13
CA SER B 212 -6.58 7.33 -8.36
C SER B 212 -6.71 5.99 -9.11
N TYR B 213 -6.97 6.03 -10.41
CA TYR B 213 -6.99 4.80 -11.21
C TYR B 213 -5.71 3.99 -11.07
N ILE B 214 -4.55 4.60 -11.32
CA ILE B 214 -3.27 3.88 -11.26
C ILE B 214 -3.09 3.18 -9.93
N THR B 215 -3.35 3.92 -8.84
CA THR B 215 -3.22 3.37 -7.50
C THR B 215 -4.10 2.12 -7.32
N VAL B 216 -5.40 2.22 -7.64
CA VAL B 216 -6.32 1.10 -7.46
C VAL B 216 -6.00 -0.05 -8.42
N ARG B 217 -5.67 0.27 -9.67
CA ARG B 217 -5.43 -0.72 -10.72
C ARG B 217 -4.28 -1.66 -10.40
N ARG B 218 -3.27 -1.20 -9.67
CA ARG B 218 -2.19 -2.10 -9.26
C ARG B 218 -2.68 -3.25 -8.41
N ASP B 219 -3.85 -3.12 -7.79
CA ASP B 219 -4.46 -4.19 -7.00
C ASP B 219 -5.57 -4.94 -7.73
N THR B 220 -6.36 -4.28 -8.58
CA THR B 220 -7.36 -5.06 -9.33
C THR B 220 -6.71 -5.93 -10.40
N SER B 221 -5.45 -5.67 -10.77
CA SER B 221 -4.84 -6.48 -11.81
C SER B 221 -4.65 -7.92 -11.36
N GLY B 222 -4.40 -8.15 -10.08
CA GLY B 222 -4.11 -9.51 -9.69
C GLY B 222 -2.66 -9.92 -9.94
N CYS B 223 -1.82 -9.01 -10.47
CA CYS B 223 -0.41 -9.37 -10.68
C CYS B 223 0.31 -9.71 -9.38
N LYS B 224 -0.04 -8.99 -8.29
CA LYS B 224 0.68 -9.22 -7.03
C LYS B 224 0.57 -10.65 -6.53
N PRO B 225 -0.60 -11.31 -6.50
CA PRO B 225 -0.58 -12.72 -6.06
C PRO B 225 0.15 -13.63 -7.05
N CYS B 226 0.11 -13.34 -8.34
CA CYS B 226 0.92 -14.08 -9.31
C CYS B 226 2.39 -14.01 -8.95
N PHE B 227 2.85 -12.84 -8.48
CA PHE B 227 4.25 -12.73 -8.04
C PHE B 227 4.53 -13.67 -6.87
N ALA B 228 3.60 -13.78 -5.91
CA ALA B 228 3.82 -14.74 -4.83
C ALA B 228 3.96 -16.15 -5.37
N LEU B 229 3.24 -16.47 -6.45
CA LEU B 229 3.35 -17.77 -7.07
C LEU B 229 4.71 -18.00 -7.73
N ILE B 230 5.41 -16.93 -8.12
CA ILE B 230 6.79 -17.11 -8.60
C ILE B 230 7.64 -17.80 -7.53
N GLU B 231 7.62 -17.24 -6.32
CA GLU B 231 8.33 -17.83 -5.20
C GLU B 231 7.93 -19.28 -5.01
N TYR B 232 6.62 -19.50 -4.83
CA TYR B 232 6.07 -20.84 -4.67
C TYR B 232 6.59 -21.80 -5.74
N ALA B 233 6.41 -21.45 -7.02
CA ALA B 233 6.71 -22.37 -8.10
C ALA B 233 8.21 -22.60 -8.28
N ALA B 234 9.04 -21.69 -7.81
CA ALA B 234 10.48 -21.90 -7.84
C ALA B 234 10.98 -22.62 -6.60
N GLY B 235 10.11 -22.96 -5.66
CA GLY B 235 10.57 -23.56 -4.42
C GLY B 235 11.42 -22.66 -3.52
N ILE B 236 11.21 -21.34 -3.56
CA ILE B 236 11.90 -20.43 -2.67
C ILE B 236 10.88 -19.68 -1.81
N ASP B 237 11.39 -19.06 -0.74
CA ASP B 237 10.61 -18.18 0.15
C ASP B 237 11.52 -17.01 0.55
N LEU B 238 11.43 -15.89 -0.18
CA LEU B 238 12.39 -14.80 0.05
C LEU B 238 12.15 -14.18 1.41
N PRO B 239 13.22 -13.81 2.11
CA PRO B 239 13.08 -13.14 3.41
C PRO B 239 12.47 -11.78 3.24
N ASP B 240 11.84 -11.32 4.32
CA ASP B 240 11.19 -10.02 4.31
C ASP B 240 12.15 -8.90 3.91
N HIS B 241 13.36 -8.88 4.51
CA HIS B 241 14.30 -7.80 4.27
C HIS B 241 14.78 -7.77 2.83
N VAL B 242 14.65 -8.87 2.08
CA VAL B 242 14.97 -8.92 0.65
C VAL B 242 13.75 -8.52 -0.20
N ILE B 243 12.63 -9.25 -0.06
CA ILE B 243 11.45 -9.01 -0.91
C ILE B 243 10.89 -7.59 -0.74
N TYR B 244 10.96 -7.02 0.47
CA TYR B 244 10.46 -5.66 0.71
C TYR B 244 11.55 -4.59 0.61
N HIS B 245 12.74 -4.94 0.15
CA HIS B 245 13.72 -3.91 -0.19
C HIS B 245 13.16 -3.06 -1.33
N PRO B 246 13.33 -1.73 -1.29
CA PRO B 246 12.72 -0.87 -2.32
C PRO B 246 13.04 -1.22 -3.77
N THR B 247 14.22 -1.78 -4.06
N THR B 247 14.23 -1.75 -4.08
CA THR B 247 14.54 -2.10 -5.45
CA THR B 247 14.52 -2.10 -5.47
C THR B 247 13.72 -3.29 -5.94
C THR B 247 13.66 -3.28 -5.93
N LEU B 248 13.56 -4.32 -5.10
CA LEU B 248 12.72 -5.44 -5.49
C LEU B 248 11.25 -5.00 -5.58
N ALA B 249 10.78 -4.22 -4.61
CA ALA B 249 9.42 -3.69 -4.65
C ALA B 249 9.18 -2.88 -5.94
N ALA B 250 10.20 -2.12 -6.37
CA ALA B 250 10.06 -1.32 -7.59
C ALA B 250 10.02 -2.20 -8.82
N MET B 251 10.84 -3.27 -8.86
CA MET B 251 10.79 -4.17 -10.00
C MET B 251 9.45 -4.86 -10.09
N GLU B 252 8.87 -5.26 -8.95
CA GLU B 252 7.54 -5.83 -8.95
C GLU B 252 6.53 -4.85 -9.53
N GLU B 253 6.57 -3.60 -9.06
CA GLU B 253 5.61 -2.62 -9.54
C GLU B 253 5.77 -2.41 -11.03
N ALA B 254 7.02 -2.32 -11.50
CA ALA B 254 7.29 -2.13 -12.92
C ALA B 254 6.68 -3.26 -13.74
N THR B 255 6.81 -4.48 -13.25
CA THR B 255 6.23 -5.62 -13.91
C THR B 255 4.71 -5.56 -13.85
N ASN B 256 4.16 -5.26 -12.67
CA ASN B 256 2.71 -5.11 -12.52
C ASN B 256 2.18 -4.14 -13.56
N ASP B 257 2.76 -2.94 -13.59
CA ASP B 257 2.36 -1.92 -14.56
C ASP B 257 2.53 -2.40 -16.01
N LEU B 258 3.61 -3.09 -16.34
CA LEU B 258 3.74 -3.52 -17.75
C LEU B 258 2.55 -4.41 -18.14
N VAL B 259 2.38 -5.51 -17.41
CA VAL B 259 1.33 -6.48 -17.66
C VAL B 259 -0.04 -5.80 -17.64
N THR B 260 -0.26 -4.94 -16.65
CA THR B 260 -1.58 -4.36 -16.44
C THR B 260 -1.89 -3.28 -17.47
N TRP B 261 -0.96 -2.32 -17.65
CA TRP B 261 -1.24 -1.28 -18.64
C TRP B 261 -1.26 -1.86 -20.06
N SER B 262 -0.46 -2.89 -20.35
CA SER B 262 -0.60 -3.49 -21.67
C SER B 262 -1.94 -4.20 -21.78
N ASN B 263 -2.37 -4.86 -20.71
CA ASN B 263 -3.70 -5.43 -20.72
C ASN B 263 -4.77 -4.37 -20.99
N ASP B 264 -4.62 -3.17 -20.44
CA ASP B 264 -5.60 -2.13 -20.73
C ASP B 264 -5.69 -1.86 -22.23
N ILE B 265 -4.55 -1.82 -22.92
CA ILE B 265 -4.59 -1.67 -24.38
C ILE B 265 -5.26 -2.88 -25.04
N PHE B 266 -4.79 -4.10 -24.74
CA PHE B 266 -5.30 -5.28 -25.42
C PHE B 266 -6.78 -5.56 -25.11
N SER B 267 -7.24 -5.17 -23.91
CA SER B 267 -8.58 -5.51 -23.45
C SER B 267 -9.54 -4.33 -23.56
N TYR B 268 -9.08 -3.18 -24.06
CA TYR B 268 -10.00 -2.06 -24.20
C TYR B 268 -11.19 -2.44 -25.08
N ASN B 269 -10.97 -3.27 -26.11
CA ASN B 269 -12.07 -3.57 -27.03
C ASN B 269 -13.18 -4.35 -26.32
N LYS B 270 -12.85 -5.47 -25.66
CA LYS B 270 -13.91 -6.22 -25.00
C LYS B 270 -14.55 -5.42 -23.87
N GLU B 271 -13.78 -4.49 -23.25
CA GLU B 271 -14.29 -3.76 -22.07
C GLU B 271 -15.19 -2.60 -22.46
N GLN B 272 -14.89 -1.88 -23.57
CA GLN B 272 -15.74 -0.76 -23.98
C GLN B 272 -17.13 -1.22 -24.45
N VAL B 273 -17.30 -2.52 -24.73
CA VAL B 273 -18.61 -3.04 -25.17
C VAL B 273 -19.68 -2.67 -24.16
N THR B 274 -19.39 -2.84 -22.86
CA THR B 274 -20.29 -2.48 -21.77
C THR B 274 -19.91 -1.15 -21.07
N ASP B 275 -19.15 -0.29 -21.77
CA ASP B 275 -18.67 1.01 -21.25
C ASP B 275 -17.97 0.88 -19.89
N ASP B 276 -17.27 -0.22 -19.69
CA ASP B 276 -16.39 -0.40 -18.54
C ASP B 276 -15.29 0.64 -18.59
N THR B 277 -15.25 1.54 -17.61
CA THR B 277 -14.25 2.61 -17.59
C THR B 277 -13.04 2.30 -16.69
N HIS B 278 -12.94 1.08 -16.15
CA HIS B 278 -11.77 0.65 -15.36
C HIS B 278 -10.67 0.21 -16.33
N ASN B 279 -10.08 1.21 -16.96
CA ASN B 279 -9.14 1.03 -18.08
C ASN B 279 -8.48 2.39 -18.34
N MET B 280 -7.16 2.44 -18.45
CA MET B 280 -6.51 3.75 -18.54
C MET B 280 -6.96 4.58 -19.75
N ILE B 281 -7.42 3.95 -20.82
CA ILE B 281 -7.74 4.69 -22.04
C ILE B 281 -8.94 5.62 -21.82
N PRO B 282 -10.13 5.16 -21.39
CA PRO B 282 -11.21 6.14 -21.13
C PRO B 282 -10.85 7.10 -20.01
N VAL B 283 -10.06 6.64 -19.04
CA VAL B 283 -9.62 7.54 -17.97
C VAL B 283 -8.85 8.71 -18.55
N LEU B 284 -7.88 8.41 -19.42
CA LEU B 284 -7.09 9.47 -20.04
C LEU B 284 -7.95 10.34 -20.94
N MET B 285 -8.79 9.72 -21.76
CA MET B 285 -9.62 10.51 -22.65
C MET B 285 -10.44 11.53 -21.88
N ARG B 286 -10.99 11.15 -20.74
CA ARG B 286 -11.80 12.08 -19.97
C ARG B 286 -10.92 13.12 -19.28
N GLU B 287 -9.88 12.67 -18.57
CA GLU B 287 -9.07 13.62 -17.82
C GLU B 287 -8.35 14.62 -18.73
N ARG B 288 -7.79 14.15 -19.85
CA ARG B 288 -6.85 14.96 -20.61
C ARG B 288 -7.33 15.38 -21.98
N GLY B 289 -8.57 15.04 -22.33
CA GLY B 289 -9.06 15.39 -23.65
C GLY B 289 -8.42 14.65 -24.81
N LEU B 290 -7.78 13.51 -24.57
CA LEU B 290 -7.13 12.76 -25.65
C LEU B 290 -8.19 12.01 -26.46
N ASP B 291 -7.99 11.93 -27.78
CA ASP B 291 -8.88 11.06 -28.53
C ASP B 291 -8.42 9.61 -28.33
N LEU B 292 -9.09 8.64 -28.98
CA LEU B 292 -8.79 7.23 -28.69
C LEU B 292 -7.32 6.90 -28.99
N GLN B 293 -6.85 7.17 -30.21
CA GLN B 293 -5.46 6.83 -30.53
C GLN B 293 -4.48 7.61 -29.66
N GLY B 294 -4.82 8.86 -29.32
CA GLY B 294 -3.97 9.62 -28.43
C GLY B 294 -3.83 8.97 -27.07
N ALA B 295 -4.94 8.48 -26.52
CA ALA B 295 -4.90 7.79 -25.24
C ALA B 295 -4.11 6.50 -25.36
N VAL B 296 -4.44 5.69 -26.38
CA VAL B 296 -3.74 4.43 -26.64
C VAL B 296 -2.23 4.66 -26.75
N ASP B 297 -1.81 5.67 -27.51
CA ASP B 297 -0.38 5.90 -27.67
C ASP B 297 0.27 6.32 -26.35
N PHE B 298 -0.41 7.18 -25.58
CA PHE B 298 0.11 7.58 -24.27
C PHE B 298 0.36 6.37 -23.37
N VAL B 299 -0.60 5.43 -23.33
CA VAL B 299 -0.42 4.20 -22.55
C VAL B 299 0.73 3.37 -23.13
N GLY B 300 0.84 3.31 -24.45
CA GLY B 300 1.92 2.54 -25.05
C GLY B 300 3.29 3.05 -24.64
N ARG B 301 3.44 4.36 -24.54
CA ARG B 301 4.68 4.99 -24.08
C ARG B 301 4.96 4.60 -22.64
N LEU B 302 3.93 4.68 -21.77
CA LEU B 302 4.04 4.21 -20.39
C LEU B 302 4.56 2.77 -20.34
N CYS B 303 4.09 1.91 -21.24
CA CYS B 303 4.56 0.52 -21.24
C CYS B 303 6.06 0.43 -21.54
N LYS B 304 6.53 1.12 -22.58
CA LYS B 304 7.98 1.10 -22.85
C LYS B 304 8.73 1.62 -21.63
N GLY B 305 8.26 2.74 -21.07
CA GLY B 305 8.91 3.34 -19.91
C GLY B 305 8.96 2.43 -18.69
N THR B 306 7.99 1.54 -18.51
CA THR B 306 8.06 0.71 -17.32
C THR B 306 8.99 -0.48 -17.53
N ILE B 307 9.22 -0.92 -18.77
CA ILE B 307 10.24 -1.95 -18.97
C ILE B 307 11.62 -1.34 -18.74
N GLU B 308 11.81 -0.07 -19.12
CA GLU B 308 13.06 0.61 -18.81
C GLU B 308 13.25 0.79 -17.30
N ARG B 309 12.18 1.14 -16.59
CA ARG B 309 12.24 1.16 -15.14
C ARG B 309 12.69 -0.18 -14.60
N PHE B 310 12.08 -1.27 -15.08
CA PHE B 310 12.44 -2.61 -14.64
C PHE B 310 13.94 -2.89 -14.83
N GLU B 311 14.46 -2.64 -16.05
CA GLU B 311 15.89 -2.83 -16.29
C GLU B 311 16.74 -1.89 -15.44
N THR B 312 16.28 -0.65 -15.24
CA THR B 312 17.07 0.29 -14.45
C THR B 312 17.19 -0.13 -12.97
N GLU B 313 16.10 -0.67 -12.40
CA GLU B 313 16.20 -1.18 -11.03
C GLU B 313 17.00 -2.48 -10.98
N ARG B 314 16.91 -3.30 -12.03
CA ARG B 314 17.70 -4.52 -12.11
C ARG B 314 19.18 -4.22 -11.90
N ALA B 315 19.66 -3.13 -12.52
CA ALA B 315 21.05 -2.71 -12.33
C ALA B 315 21.31 -2.28 -10.90
N ARG B 316 20.34 -1.68 -10.23
CA ARG B 316 20.48 -1.17 -8.87
C ARG B 316 20.44 -2.26 -7.80
N LEU B 317 20.29 -3.53 -8.16
CA LEU B 317 20.01 -4.53 -7.13
C LEU B 317 21.20 -4.63 -6.18
N PRO B 318 20.97 -4.65 -4.86
CA PRO B 318 22.08 -4.93 -3.93
C PRO B 318 22.40 -6.42 -3.90
N SER B 319 23.38 -6.75 -3.05
CA SER B 319 23.79 -8.14 -2.86
C SER B 319 23.56 -8.53 -1.42
N TRP B 320 22.95 -9.69 -1.23
CA TRP B 320 22.81 -10.33 0.06
C TRP B 320 23.60 -11.64 0.11
N GLY B 321 24.73 -11.72 -0.59
CA GLY B 321 25.54 -12.91 -0.58
C GLY B 321 25.04 -13.96 -1.56
N PRO B 322 25.86 -14.99 -1.81
CA PRO B 322 25.57 -15.91 -2.95
C PRO B 322 24.23 -16.64 -2.91
N GLU B 323 23.86 -17.28 -1.78
CA GLU B 323 22.65 -18.08 -1.75
CA GLU B 323 22.64 -18.09 -1.74
C GLU B 323 21.41 -17.23 -1.99
N LEU B 324 21.33 -16.09 -1.32
CA LEU B 324 20.15 -15.24 -1.48
C LEU B 324 20.19 -14.54 -2.83
N ASP B 325 21.38 -14.15 -3.30
CA ASP B 325 21.48 -13.50 -4.59
C ASP B 325 20.96 -14.42 -5.68
N ALA B 326 21.21 -15.71 -5.55
CA ALA B 326 20.75 -16.63 -6.57
C ALA B 326 19.23 -16.78 -6.50
N GLN B 327 18.63 -16.67 -5.31
CA GLN B 327 17.17 -16.76 -5.27
C GLN B 327 16.54 -15.49 -5.81
N VAL B 328 17.18 -14.35 -5.56
CA VAL B 328 16.71 -13.10 -6.15
C VAL B 328 16.73 -13.16 -7.68
N GLN B 329 17.83 -13.67 -8.26
CA GLN B 329 17.88 -13.81 -9.72
C GLN B 329 16.72 -14.65 -10.25
N THR B 330 16.43 -15.77 -9.57
CA THR B 330 15.30 -16.64 -9.93
C THR B 330 13.98 -15.88 -9.92
N TYR B 331 13.74 -15.11 -8.86
CA TYR B 331 12.52 -14.32 -8.76
C TYR B 331 12.41 -13.29 -9.88
N ILE B 332 13.47 -12.51 -10.12
CA ILE B 332 13.32 -11.48 -11.13
C ILE B 332 13.27 -12.10 -12.52
N GLU B 333 13.77 -13.32 -12.71
CA GLU B 333 13.54 -13.95 -14.01
C GLU B 333 12.07 -14.29 -14.16
N GLY B 334 11.41 -14.64 -13.05
CA GLY B 334 9.97 -14.86 -13.13
C GLY B 334 9.20 -13.59 -13.47
N LEU B 335 9.66 -12.44 -12.95
CA LEU B 335 9.07 -11.18 -13.36
C LEU B 335 9.33 -10.91 -14.84
N GLN B 336 10.56 -11.15 -15.27
CA GLN B 336 10.84 -11.08 -16.72
C GLN B 336 9.95 -12.03 -17.51
N ASN B 337 9.78 -13.28 -17.06
CA ASN B 337 8.93 -14.20 -17.81
C ASN B 337 7.48 -13.75 -17.87
N TRP B 338 6.96 -13.11 -16.80
CA TRP B 338 5.63 -12.50 -16.85
C TRP B 338 5.56 -11.41 -17.90
N ILE B 339 6.65 -10.67 -18.09
CA ILE B 339 6.59 -9.57 -19.04
C ILE B 339 6.47 -10.11 -20.46
N VAL B 340 7.39 -10.99 -20.86
CA VAL B 340 7.42 -11.46 -22.24
C VAL B 340 6.29 -12.44 -22.47
N GLY B 341 6.03 -13.31 -21.49
CA GLY B 341 4.98 -14.31 -21.61
C GLY B 341 3.60 -13.69 -21.81
N SER B 342 3.26 -12.67 -21.02
CA SER B 342 1.92 -12.11 -21.10
C SER B 342 1.73 -11.32 -22.40
N LEU B 343 2.75 -10.54 -22.77
CA LEU B 343 2.70 -9.81 -24.04
C LEU B 343 2.38 -10.74 -25.21
N HIS B 344 3.04 -11.90 -25.26
CA HIS B 344 2.79 -12.80 -26.38
C HIS B 344 1.50 -13.57 -26.24
N TRP B 345 1.22 -14.08 -25.05
CA TRP B 345 0.00 -14.84 -24.83
C TRP B 345 -1.25 -14.03 -25.18
N SER B 346 -1.19 -12.71 -25.07
CA SER B 346 -2.38 -11.91 -25.32
C SER B 346 -2.88 -12.09 -26.75
N PHE B 347 -1.99 -12.52 -27.65
CA PHE B 347 -2.34 -12.77 -29.06
C PHE B 347 -2.61 -14.25 -29.35
N ASP B 348 -2.17 -15.17 -28.50
CA ASP B 348 -2.63 -16.54 -28.64
C ASP B 348 -4.02 -16.75 -28.05
N SER B 349 -4.37 -16.02 -27.00
CA SER B 349 -5.70 -16.19 -26.40
C SER B 349 -6.81 -15.76 -27.37
N HIS B 350 -8.00 -16.32 -27.17
CA HIS B 350 -9.18 -15.77 -27.81
C HIS B 350 -9.80 -14.62 -27.02
N ARG B 351 -9.34 -14.38 -25.80
CA ARG B 351 -10.01 -13.46 -24.89
C ARG B 351 -10.07 -12.04 -25.46
N TYR B 352 -9.03 -11.61 -26.17
CA TYR B 352 -9.00 -10.19 -26.52
C TYR B 352 -9.26 -9.92 -27.99
N PHE B 353 -8.81 -10.81 -28.87
CA PHE B 353 -8.90 -10.57 -30.30
C PHE B 353 -9.72 -11.65 -30.99
N GLY B 354 -10.43 -12.48 -30.20
CA GLY B 354 -11.22 -13.56 -30.79
C GLY B 354 -10.32 -14.59 -31.47
N LYS B 355 -10.67 -14.95 -32.71
N LYS B 355 -10.66 -14.95 -32.71
CA LYS B 355 -9.84 -15.85 -33.49
CA LYS B 355 -9.80 -15.86 -33.46
C LYS B 355 -8.70 -15.13 -34.20
C LYS B 355 -8.75 -15.13 -34.28
N ASP B 356 -8.72 -13.80 -34.23
CA ASP B 356 -7.81 -12.99 -35.03
C ASP B 356 -6.52 -12.62 -34.31
N GLY B 357 -6.20 -13.28 -33.19
CA GLY B 357 -5.02 -12.91 -32.41
C GLY B 357 -3.71 -12.88 -33.18
N HIS B 358 -3.31 -14.00 -33.79
CA HIS B 358 -2.04 -14.03 -34.52
C HIS B 358 -2.04 -13.03 -35.69
N ALA B 359 -3.18 -12.89 -36.36
CA ALA B 359 -3.28 -11.89 -37.43
C ALA B 359 -3.17 -10.47 -36.89
N VAL B 360 -3.81 -10.16 -35.76
CA VAL B 360 -3.71 -8.79 -35.23
C VAL B 360 -2.30 -8.51 -34.71
N LYS B 361 -1.59 -9.53 -34.20
CA LYS B 361 -0.20 -9.35 -33.83
C LYS B 361 0.61 -8.76 -34.98
N LYS B 362 0.33 -9.20 -36.21
CA LYS B 362 1.09 -8.73 -37.37
C LYS B 362 0.62 -7.36 -37.87
N HIS B 363 -0.68 -7.18 -38.16
CA HIS B 363 -1.02 -5.89 -38.75
C HIS B 363 -1.45 -4.82 -37.76
N ARG B 364 -1.73 -5.18 -36.48
CA ARG B 364 -1.91 -4.22 -35.39
C ARG B 364 -3.13 -3.29 -35.55
N ILE B 365 -4.17 -3.66 -36.30
CA ILE B 365 -5.36 -2.82 -36.38
C ILE B 365 -6.47 -3.50 -35.60
N VAL B 366 -7.12 -2.75 -34.71
CA VAL B 366 -8.17 -3.27 -33.87
C VAL B 366 -9.47 -2.60 -34.28
N LYS B 367 -10.43 -3.38 -34.75
CA LYS B 367 -11.74 -2.84 -35.10
C LYS B 367 -12.64 -2.98 -33.88
N LEU B 368 -13.18 -1.86 -33.42
CA LEU B 368 -13.97 -1.82 -32.20
C LEU B 368 -15.24 -2.68 -32.29
N LEU B 369 -15.49 -3.48 -31.25
CA LEU B 369 -16.67 -4.31 -31.20
C LEU B 369 -17.94 -3.46 -31.02
N PRO B 370 -19.10 -4.00 -31.42
CA PRO B 370 -20.37 -3.27 -31.18
C PRO B 370 -20.63 -3.12 -29.69
N LYS B 371 -21.10 -1.93 -29.29
CA LYS B 371 -21.46 -1.74 -27.88
C LYS B 371 -22.78 -2.44 -27.55
N ARG B 372 -22.89 -2.94 -26.31
CA ARG B 372 -24.15 -3.52 -25.86
C ARG B 372 -25.31 -2.54 -26.05
N VAL B 373 -25.07 -1.28 -25.71
CA VAL B 373 -25.97 -0.16 -25.91
C VAL B 373 -25.22 0.85 -26.78
N PRO B 374 -25.78 1.28 -27.92
CA PRO B 374 -25.08 2.28 -28.75
C PRO B 374 -24.82 3.57 -28.00
N GLN B 375 -23.67 4.19 -28.32
CA GLN B 375 -23.27 5.39 -27.62
C GLN B 375 -24.31 6.53 -27.73
N GLN B 376 -25.04 6.60 -28.85
CA GLN B 376 -26.00 7.70 -29.04
C GLN B 376 -27.43 7.33 -28.63
N ALA B 377 -27.61 6.24 -27.91
CA ALA B 377 -28.93 5.72 -27.56
C ALA B 377 -29.76 6.77 -26.81
#